data_5GX8
#
_entry.id   5GX8
#
_cell.length_a   73.674
_cell.length_b   142.050
_cell.length_c   73.676
_cell.angle_alpha   90.00
_cell.angle_beta   105.98
_cell.angle_gamma   90.00
#
_symmetry.space_group_name_H-M   'P 1 21 1'
#
loop_
_entity.id
_entity.type
_entity.pdbx_description
1 polymer 'Extracellular solute-binding protein family 1'
2 non-polymer 'CALCIUM ION'
3 non-polymer 1,2-ETHANEDIOL
4 non-polymer 'SULFATE ION'
5 non-polymer 'D(-)-TARTARIC ACID'
6 water water
#
_entity_poly.entity_id   1
_entity_poly.type   'polypeptide(L)'
_entity_poly.pdbx_seq_one_letter_code
;MKETTIFAMHLGKALDPNLPVFVKAEKDTNIKLVNVASQNQTDQIQAYNLMLTEGKLPDIVSYELSADLENLGIEGGLIP
LEDLINQHAPNLKKFFEENPRYKKDAVAVDGHIYMIPNYYDYFNIKVSQGYFIRQDWLEKLGLKEPRTVDELYTTLKAFR
EKDPNGNGKKDEVPFFVRANNVRKVLTSLVDLFKASPIWYEENGMVKYGPAQKEFKHAIKELSKWYKEGLIDEEIFTRGL
ESRDYLLSNNLGGATDDWIASTSSYNRNLADKIPGFNLKLVLPYELNGNAKTRHARTTYLGGWGISKDAKDPVSLIKYFD
YWYSVEGRRLWNFGIEGSEYTLVDGKPVFTDKVLKNPDGKTPLAVLREVGAQYRLGAFQDAQYELGWASESAKAGYKYYM
DNDVVLDELPILKYTKEKSKEFVSIDTAMRAVVEEKAQQWILGSGDIDKEWDAYIKRLENLGLSKAEQIQNEAF
;
_entity_poly.pdbx_strand_id   A,B
#
# COMPACT_ATOMS: atom_id res chain seq x y z
N LYS A 2 -26.93 1.50 29.56
CA LYS A 2 -27.26 0.39 28.69
C LYS A 2 -25.99 -0.13 28.02
N GLU A 3 -25.74 -1.41 28.18
CA GLU A 3 -24.61 -2.03 27.49
C GLU A 3 -25.01 -2.37 26.07
N THR A 4 -24.18 -1.98 25.12
CA THR A 4 -24.51 -2.00 23.71
C THR A 4 -23.37 -2.70 23.00
N THR A 5 -23.65 -3.79 22.31
CA THR A 5 -22.56 -4.47 21.58
C THR A 5 -22.24 -3.73 20.28
N ILE A 6 -20.96 -3.78 19.90
CA ILE A 6 -20.55 -3.12 18.68
C ILE A 6 -19.45 -3.97 18.06
N PHE A 7 -19.41 -4.01 16.74
CA PHE A 7 -18.18 -4.41 16.02
C PHE A 7 -17.52 -3.10 15.57
N ALA A 8 -16.35 -2.79 16.11
CA ALA A 8 -15.64 -1.60 15.64
C ALA A 8 -14.13 -1.80 15.66
N MET A 9 -13.53 -1.52 14.52
CA MET A 9 -12.07 -1.52 14.37
C MET A 9 -11.66 -0.32 13.53
N HIS A 10 -10.42 0.10 13.69
CA HIS A 10 -9.87 1.21 12.90
C HIS A 10 -8.35 1.16 13.00
N LEU A 11 -7.67 1.19 11.85
CA LEU A 11 -6.16 1.10 11.80
C LEU A 11 -5.65 -0.10 12.58
N GLY A 12 -6.38 -1.24 12.43
CA GLY A 12 -5.92 -2.48 12.99
C GLY A 12 -6.20 -2.67 14.47
N LYS A 13 -6.95 -1.75 15.10
CA LYS A 13 -7.21 -1.80 16.53
C LYS A 13 -8.72 -1.83 16.81
N ALA A 14 -9.15 -2.79 17.63
CA ALA A 14 -10.53 -2.78 18.10
C ALA A 14 -10.73 -1.64 19.09
N LEU A 15 -11.86 -0.92 18.94
CA LEU A 15 -12.27 0.16 19.82
C LEU A 15 -12.25 -0.31 21.27
N ASP A 16 -11.51 0.42 22.10
CA ASP A 16 -11.47 0.18 23.54
C ASP A 16 -12.37 1.19 24.21
N PRO A 17 -13.53 0.77 24.71
CA PRO A 17 -14.47 1.74 25.32
C PRO A 17 -13.94 2.39 26.58
N ASN A 18 -12.82 1.93 27.14
CA ASN A 18 -12.23 2.54 28.31
C ASN A 18 -11.38 3.75 27.97
N LEU A 19 -11.16 4.01 26.69
CA LEU A 19 -10.42 5.21 26.33
C LEU A 19 -11.19 6.46 26.77
N PRO A 20 -10.48 7.56 27.08
CA PRO A 20 -11.20 8.74 27.64
C PRO A 20 -12.35 9.22 26.81
N VAL A 21 -12.22 9.26 25.49
CA VAL A 21 -13.30 9.78 24.67
C VAL A 21 -14.58 8.96 24.90
N PHE A 22 -14.46 7.63 24.91
CA PHE A 22 -15.67 6.80 25.02
C PHE A 22 -16.20 6.72 26.44
N VAL A 23 -15.35 6.90 27.45
CA VAL A 23 -15.84 7.03 28.83
C VAL A 23 -16.66 8.31 28.98
N LYS A 24 -16.19 9.40 28.38
CA LYS A 24 -16.94 10.64 28.41
C LYS A 24 -18.28 10.49 27.71
N ALA A 25 -18.29 9.88 26.52
CA ALA A 25 -19.54 9.74 25.83
C ALA A 25 -20.48 8.81 26.58
N GLU A 26 -19.93 7.84 27.30
CA GLU A 26 -20.79 7.01 28.16
C GLU A 26 -21.39 7.82 29.30
N LYS A 27 -20.61 8.72 29.90
CA LYS A 27 -21.10 9.63 30.94
C LYS A 27 -22.20 10.56 30.45
N ASP A 28 -22.14 10.97 29.18
CA ASP A 28 -23.14 11.87 28.63
C ASP A 28 -24.39 11.15 28.13
N THR A 29 -24.25 9.93 27.61
CA THR A 29 -25.34 9.26 26.93
C THR A 29 -25.89 8.05 27.67
N ASN A 30 -25.17 7.56 28.69
CA ASN A 30 -25.45 6.31 29.41
C ASN A 30 -25.40 5.08 28.50
N ILE A 31 -24.65 5.15 27.39
CA ILE A 31 -24.47 4.02 26.48
C ILE A 31 -23.03 3.56 26.66
N LYS A 32 -22.85 2.33 27.07
CA LYS A 32 -21.53 1.76 27.35
C LYS A 32 -21.28 0.71 26.28
N LEU A 33 -20.29 0.93 25.41
CA LEU A 33 -20.06 -0.02 24.32
C LEU A 33 -19.29 -1.24 24.82
N VAL A 34 -19.55 -2.37 24.17
CA VAL A 34 -18.85 -3.64 24.45
C VAL A 34 -18.49 -4.20 23.08
N ASN A 35 -17.21 -4.24 22.76
CA ASN A 35 -16.80 -4.66 21.44
C ASN A 35 -16.80 -6.17 21.29
N VAL A 36 -17.29 -6.65 20.13
CA VAL A 36 -17.21 -8.08 19.82
C VAL A 36 -15.92 -8.41 19.09
N ALA A 37 -15.20 -7.39 18.62
CA ALA A 37 -13.86 -7.58 18.09
C ALA A 37 -12.89 -7.56 19.27
N SER A 38 -11.94 -8.50 19.33
CA SER A 38 -11.07 -8.50 20.50
C SER A 38 -9.82 -7.62 20.30
N GLN A 39 -9.14 -7.35 21.41
CA GLN A 39 -7.91 -6.56 21.32
C GLN A 39 -6.82 -7.25 20.53
N ASN A 40 -6.94 -8.55 20.30
CA ASN A 40 -5.95 -9.32 19.54
C ASN A 40 -6.20 -9.31 18.03
N GLN A 41 -7.36 -8.87 17.57
CA GLN A 41 -7.59 -8.89 16.14
C GLN A 41 -6.98 -7.66 15.50
N THR A 42 -6.33 -7.85 14.35
CA THR A 42 -5.66 -6.74 13.66
C THR A 42 -6.14 -6.55 12.23
N ASP A 43 -6.88 -7.50 11.69
CA ASP A 43 -7.30 -7.58 10.30
C ASP A 43 -8.80 -7.27 10.30
N GLN A 44 -9.13 -6.01 9.98
CA GLN A 44 -10.54 -5.60 10.07
C GLN A 44 -11.40 -6.36 9.04
N ILE A 45 -10.86 -6.64 7.86
CA ILE A 45 -11.67 -7.32 6.85
C ILE A 45 -11.99 -8.74 7.35
N GLN A 46 -10.98 -9.40 7.92
CA GLN A 46 -11.22 -10.75 8.40
C GLN A 46 -12.21 -10.74 9.54
N ALA A 47 -11.99 -9.85 10.51
CA ALA A 47 -12.84 -9.83 11.71
C ALA A 47 -14.28 -9.47 11.38
N TYR A 48 -14.48 -8.55 10.43
CA TYR A 48 -15.84 -8.19 10.00
C TYR A 48 -16.55 -9.41 9.41
N ASN A 49 -15.88 -10.10 8.49
CA ASN A 49 -16.51 -11.26 7.87
C ASN A 49 -16.82 -12.33 8.89
N LEU A 50 -15.92 -12.53 9.86
CA LEU A 50 -16.16 -13.53 10.90
C LEU A 50 -17.36 -13.13 11.72
N MET A 51 -17.43 -11.83 12.06
CA MET A 51 -18.57 -11.30 12.81
C MET A 51 -19.91 -11.57 12.11
N LEU A 52 -19.96 -11.48 10.78
CA LEU A 52 -21.22 -11.66 10.06
C LEU A 52 -21.70 -13.10 10.03
N THR A 53 -20.85 -14.08 10.38
CA THR A 53 -21.30 -15.48 10.47
C THR A 53 -22.05 -15.78 11.77
N GLU A 54 -22.20 -14.83 12.69
CA GLU A 54 -22.95 -15.11 13.90
C GLU A 54 -24.45 -15.03 13.66
N GLY A 55 -25.22 -15.86 14.39
CA GLY A 55 -26.66 -15.83 14.29
C GLY A 55 -27.26 -14.51 14.75
N LYS A 56 -26.62 -13.85 15.71
CA LYS A 56 -27.02 -12.50 16.08
C LYS A 56 -25.87 -11.53 15.84
N LEU A 57 -26.18 -10.46 15.16
CA LEU A 57 -25.26 -9.36 14.92
C LEU A 57 -25.16 -8.47 16.14
N PRO A 58 -24.05 -7.77 16.31
CA PRO A 58 -23.96 -6.81 17.40
C PRO A 58 -24.94 -5.66 17.16
N ASP A 59 -25.26 -4.94 18.24
CA ASP A 59 -26.22 -3.85 18.13
C ASP A 59 -25.81 -2.83 17.09
N ILE A 60 -24.53 -2.46 17.07
CA ILE A 60 -23.98 -1.48 16.14
C ILE A 60 -22.91 -2.16 15.31
N VAL A 61 -22.92 -1.94 14.00
CA VAL A 61 -21.90 -2.50 13.11
C VAL A 61 -21.18 -1.32 12.45
N SER A 62 -19.85 -1.24 12.66
CA SER A 62 -18.97 -0.22 12.06
C SER A 62 -18.00 -0.87 11.09
N TYR A 63 -17.79 -0.25 9.93
CA TYR A 63 -16.83 -0.83 8.98
C TYR A 63 -16.28 0.23 8.05
N GLU A 64 -15.06 -0.04 7.53
CA GLU A 64 -14.39 0.94 6.70
C GLU A 64 -15.00 1.08 5.30
N LEU A 65 -15.68 0.04 4.80
CA LEU A 65 -16.18 -0.01 3.42
C LEU A 65 -17.70 0.10 3.44
N SER A 66 -18.22 1.27 3.03
CA SER A 66 -19.64 1.58 3.11
C SER A 66 -20.47 0.69 2.21
N ALA A 67 -19.92 0.28 1.06
CA ALA A 67 -20.72 -0.53 0.14
C ALA A 67 -21.10 -1.85 0.79
N ASP A 68 -20.21 -2.39 1.63
CA ASP A 68 -20.50 -3.63 2.34
C ASP A 68 -21.59 -3.43 3.39
N LEU A 69 -21.54 -2.31 4.14
CA LEU A 69 -22.62 -1.97 5.08
C LEU A 69 -23.97 -1.84 4.37
N GLU A 70 -23.97 -1.16 3.24
CA GLU A 70 -25.24 -0.95 2.53
C GLU A 70 -25.79 -2.25 1.93
N ASN A 71 -24.91 -3.09 1.42
CA ASN A 71 -25.36 -4.42 1.01
C ASN A 71 -25.91 -5.21 2.18
N LEU A 72 -25.30 -5.09 3.35
CA LEU A 72 -25.84 -5.81 4.49
C LEU A 72 -27.23 -5.25 4.85
N GLY A 73 -27.40 -3.92 4.74
CA GLY A 73 -28.73 -3.33 4.84
C GLY A 73 -29.74 -3.92 3.85
N ILE A 74 -29.36 -3.98 2.57
CA ILE A 74 -30.27 -4.53 1.56
C ILE A 74 -30.65 -5.99 1.88
N GLU A 75 -29.69 -6.74 2.42
CA GLU A 75 -29.88 -8.12 2.88
C GLU A 75 -30.71 -8.24 4.16
N GLY A 76 -31.01 -7.10 4.79
CA GLY A 76 -31.81 -7.05 6.00
C GLY A 76 -31.01 -7.14 7.29
N GLY A 77 -29.67 -7.08 7.22
CA GLY A 77 -28.87 -7.26 8.42
C GLY A 77 -28.71 -5.96 9.17
N LEU A 78 -28.69 -4.85 8.47
CA LEU A 78 -28.84 -3.53 9.06
C LEU A 78 -30.23 -3.01 8.75
N ILE A 79 -30.74 -2.16 9.65
CA ILE A 79 -32.08 -1.59 9.50
C ILE A 79 -32.01 -0.21 8.85
N PRO A 80 -33.04 0.21 8.11
CA PRO A 80 -33.11 1.60 7.66
C PRO A 80 -33.12 2.55 8.83
N LEU A 81 -32.41 3.68 8.66
CA LEU A 81 -32.30 4.68 9.69
C LEU A 81 -33.10 5.96 9.43
N GLU A 82 -33.64 6.18 8.23
CA GLU A 82 -34.12 7.52 7.90
C GLU A 82 -35.31 7.92 8.78
N ASP A 83 -36.21 6.98 9.08
CA ASP A 83 -37.32 7.31 9.98
C ASP A 83 -36.82 7.53 11.41
N LEU A 84 -35.87 6.69 11.86
CA LEU A 84 -35.28 6.91 13.18
C LEU A 84 -34.66 8.29 13.29
N ILE A 85 -33.95 8.71 12.24
CA ILE A 85 -33.32 10.03 12.31
C ILE A 85 -34.40 11.12 12.33
N ASN A 86 -35.33 11.04 11.39
CA ASN A 86 -36.38 12.05 11.30
C ASN A 86 -37.16 12.18 12.61
N GLN A 87 -37.36 11.09 13.33
CA GLN A 87 -38.19 11.05 14.54
C GLN A 87 -37.40 11.26 15.82
N HIS A 88 -36.11 10.98 15.84
CA HIS A 88 -35.40 10.90 17.11
C HIS A 88 -34.00 11.49 17.15
N ALA A 89 -33.44 11.95 16.03
CA ALA A 89 -32.04 12.41 15.97
C ALA A 89 -32.00 13.81 15.38
N PRO A 90 -32.35 14.84 16.19
CA PRO A 90 -32.36 16.23 15.69
C PRO A 90 -31.05 16.75 15.12
N ASN A 91 -29.88 16.29 15.64
CA ASN A 91 -28.61 16.86 15.17
C ASN A 91 -28.31 16.32 13.78
N LEU A 92 -28.53 15.01 13.58
CA LEU A 92 -28.37 14.44 12.25
C LEU A 92 -29.42 14.96 11.31
N LYS A 93 -30.64 15.14 11.81
CA LYS A 93 -31.67 15.63 10.92
C LYS A 93 -31.27 16.99 10.37
N LYS A 94 -30.76 17.85 11.23
CA LYS A 94 -30.39 19.19 10.75
C LYS A 94 -29.14 19.14 9.90
N PHE A 95 -28.19 18.29 10.28
CA PHE A 95 -26.99 18.12 9.46
C PHE A 95 -27.34 17.72 8.02
N PHE A 96 -28.24 16.76 7.85
CA PHE A 96 -28.62 16.34 6.50
C PHE A 96 -29.36 17.46 5.75
N GLU A 97 -30.23 18.19 6.47
CA GLU A 97 -30.93 19.33 5.86
C GLU A 97 -29.95 20.36 5.35
N GLU A 98 -29.00 20.73 6.20
CA GLU A 98 -28.00 21.76 5.85
C GLU A 98 -26.95 21.29 4.85
N ASN A 99 -26.78 19.99 4.64
CA ASN A 99 -25.71 19.46 3.80
C ASN A 99 -26.26 18.42 2.85
N PRO A 100 -26.93 18.85 1.78
CA PRO A 100 -27.50 17.88 0.83
C PRO A 100 -26.46 16.94 0.21
N ARG A 101 -25.23 17.44 0.03
CA ARG A 101 -24.16 16.59 -0.51
C ARG A 101 -23.84 15.47 0.47
N TYR A 102 -23.78 15.79 1.76
CA TYR A 102 -23.49 14.74 2.75
C TYR A 102 -24.65 13.78 2.85
N LYS A 103 -25.87 14.28 2.65
CA LYS A 103 -27.00 13.38 2.72
C LYS A 103 -26.90 12.32 1.63
N LYS A 104 -26.45 12.71 0.44
CA LYS A 104 -26.25 11.75 -0.66
C LYS A 104 -25.38 10.59 -0.23
N ASP A 105 -24.28 10.89 0.47
CA ASP A 105 -23.38 9.81 0.87
C ASP A 105 -24.07 8.82 1.77
N ALA A 106 -25.14 9.24 2.47
CA ALA A 106 -25.81 8.37 3.45
C ALA A 106 -26.95 7.55 2.84
N VAL A 107 -27.42 7.89 1.65
CA VAL A 107 -28.58 7.19 1.09
C VAL A 107 -28.13 6.06 0.18
N ALA A 108 -28.53 4.83 0.50
CA ALA A 108 -28.10 3.66 -0.29
C ALA A 108 -28.87 3.60 -1.62
N VAL A 109 -28.44 2.66 -2.48
CA VAL A 109 -28.99 2.54 -3.84
C VAL A 109 -30.50 2.32 -3.85
N ASP A 110 -31.06 1.74 -2.78
CA ASP A 110 -32.49 1.50 -2.72
C ASP A 110 -33.23 2.62 -2.03
N GLY A 111 -32.56 3.76 -1.79
CA GLY A 111 -33.19 4.93 -1.17
C GLY A 111 -33.32 4.90 0.35
N HIS A 112 -32.88 3.82 1.02
CA HIS A 112 -32.84 3.78 2.49
C HIS A 112 -31.48 4.25 2.97
N ILE A 113 -31.44 4.78 4.19
CA ILE A 113 -30.15 5.06 4.87
C ILE A 113 -29.80 3.85 5.74
N TYR A 114 -28.67 3.19 5.46
CA TYR A 114 -28.24 2.06 6.28
C TYR A 114 -27.05 2.37 7.16
N MET A 115 -26.34 3.45 6.88
CA MET A 115 -25.21 3.77 7.71
C MET A 115 -25.07 5.29 7.76
N ILE A 116 -24.54 5.77 8.88
CA ILE A 116 -24.07 7.15 8.99
C ILE A 116 -22.58 7.15 8.63
N PRO A 117 -22.14 7.88 7.62
CA PRO A 117 -20.70 7.94 7.28
C PRO A 117 -19.84 8.65 8.31
N ASN A 118 -18.53 8.34 8.30
CA ASN A 118 -17.56 9.14 9.05
C ASN A 118 -17.08 10.22 8.10
N TYR A 119 -17.64 11.42 8.23
CA TYR A 119 -17.45 12.49 7.26
C TYR A 119 -16.19 13.30 7.53
N TYR A 120 -15.49 13.67 6.45
CA TYR A 120 -14.52 14.75 6.51
C TYR A 120 -15.26 16.10 6.55
N ASP A 121 -14.57 17.11 7.03
CA ASP A 121 -15.15 18.48 7.00
C ASP A 121 -14.75 19.10 5.65
N TYR A 122 -15.33 18.53 4.62
CA TYR A 122 -14.91 18.78 3.24
C TYR A 122 -15.13 20.24 2.84
N PHE A 123 -16.28 20.81 3.19
CA PHE A 123 -16.55 22.13 2.69
C PHE A 123 -15.73 23.18 3.37
N ASN A 124 -15.10 22.85 4.50
CA ASN A 124 -14.14 23.78 5.10
C ASN A 124 -12.71 23.57 4.61
N ILE A 125 -12.27 22.33 4.39
CA ILE A 125 -10.96 22.06 3.72
C ILE A 125 -11.20 21.03 2.63
N LYS A 126 -11.20 21.50 1.37
CA LYS A 126 -11.38 20.65 0.19
C LYS A 126 -10.08 20.18 -0.39
N VAL A 127 -8.98 20.64 0.15
CA VAL A 127 -7.71 20.76 -0.59
C VAL A 127 -6.84 19.53 -0.38
N SER A 128 -6.32 18.99 -1.48
CA SER A 128 -5.37 17.88 -1.41
C SER A 128 -4.08 18.29 -2.11
N GLN A 129 -4.02 18.10 -3.42
CA GLN A 129 -2.80 18.45 -4.15
C GLN A 129 -2.87 19.88 -4.72
N GLY A 130 -1.71 20.45 -4.97
CA GLY A 130 -1.62 21.73 -5.63
C GLY A 130 -0.34 21.88 -6.41
N TYR A 131 -0.20 23.03 -7.07
CA TYR A 131 0.88 23.25 -8.05
C TYR A 131 1.98 24.08 -7.39
N PHE A 132 3.21 23.59 -7.50
CA PHE A 132 4.35 24.24 -6.87
C PHE A 132 5.36 24.58 -7.94
N ILE A 133 6.06 25.71 -7.77
CA ILE A 133 7.11 26.10 -8.70
C ILE A 133 8.24 26.82 -7.95
N ARG A 134 9.45 26.68 -8.47
CA ARG A 134 10.65 27.24 -7.81
C ARG A 134 10.67 28.76 -8.00
N GLN A 135 10.17 29.48 -6.99
CA GLN A 135 10.13 30.94 -7.05
C GLN A 135 11.54 31.51 -7.24
N ASP A 136 12.53 30.87 -6.63
CA ASP A 136 13.89 31.41 -6.71
C ASP A 136 14.48 31.22 -8.10
N TRP A 137 14.01 30.21 -8.83
CA TRP A 137 14.40 30.04 -10.23
C TRP A 137 13.68 31.04 -11.13
N LEU A 138 12.37 31.24 -10.97
CA LEU A 138 11.69 32.28 -11.72
C LEU A 138 12.42 33.60 -11.56
N GLU A 139 12.77 33.92 -10.33
CA GLU A 139 13.30 35.25 -10.06
C GLU A 139 14.68 35.40 -10.70
N LYS A 140 15.55 34.41 -10.51
CA LYS A 140 16.88 34.56 -11.06
C LYS A 140 16.85 34.55 -12.58
N LEU A 141 15.82 33.97 -13.19
CA LEU A 141 15.71 33.95 -14.65
C LEU A 141 14.92 35.14 -15.21
N GLY A 142 14.45 36.04 -14.36
CA GLY A 142 13.67 37.16 -14.86
C GLY A 142 12.34 36.77 -15.49
N LEU A 143 11.65 35.78 -14.90
CA LEU A 143 10.41 35.26 -15.42
C LEU A 143 9.28 35.61 -14.47
N LYS A 144 8.11 35.92 -15.03
CA LYS A 144 6.90 36.11 -14.24
C LYS A 144 6.45 34.77 -13.70
N GLU A 145 5.60 34.81 -12.70
CA GLU A 145 4.95 33.56 -12.26
C GLU A 145 4.05 33.10 -13.39
N PRO A 146 4.18 31.89 -13.93
CA PRO A 146 3.31 31.52 -15.04
C PRO A 146 1.88 31.36 -14.55
N ARG A 147 0.92 31.86 -15.36
CA ARG A 147 -0.49 31.78 -14.98
C ARG A 147 -1.35 31.00 -15.97
N THR A 148 -0.82 30.64 -17.13
CA THR A 148 -1.48 29.82 -18.12
C THR A 148 -0.57 28.64 -18.48
N VAL A 149 -1.15 27.64 -19.14
CA VAL A 149 -0.37 26.47 -19.55
C VAL A 149 0.70 26.86 -20.58
N ASP A 150 0.38 27.77 -21.49
CA ASP A 150 1.39 28.24 -22.43
C ASP A 150 2.51 28.98 -21.68
N GLU A 151 2.18 29.72 -20.63
CA GLU A 151 3.24 30.39 -19.89
C GLU A 151 4.08 29.39 -19.10
N LEU A 152 3.44 28.33 -18.62
CA LEU A 152 4.19 27.28 -17.95
C LEU A 152 5.18 26.63 -18.90
N TYR A 153 4.73 26.34 -20.12
CA TYR A 153 5.62 25.76 -21.13
C TYR A 153 6.86 26.60 -21.31
N THR A 154 6.66 27.91 -21.51
CA THR A 154 7.78 28.82 -21.70
C THR A 154 8.69 28.75 -20.50
N THR A 155 8.11 28.65 -19.30
CA THR A 155 8.87 28.63 -18.06
C THR A 155 9.69 27.36 -17.92
N LEU A 156 9.08 26.22 -18.18
CA LEU A 156 9.81 24.97 -18.03
C LEU A 156 10.94 24.88 -19.05
N LYS A 157 10.74 25.47 -20.24
CA LYS A 157 11.80 25.52 -21.25
C LYS A 157 12.97 26.31 -20.74
N ALA A 158 12.70 27.43 -20.08
CA ALA A 158 13.78 28.23 -19.52
C ALA A 158 14.49 27.50 -18.39
N PHE A 159 13.73 26.80 -17.52
CA PHE A 159 14.37 25.98 -16.50
C PHE A 159 15.33 24.97 -17.11
N ARG A 160 14.91 24.36 -18.23
CA ARG A 160 15.70 23.27 -18.80
C ARG A 160 16.94 23.80 -19.49
N GLU A 161 16.86 24.98 -20.12
CA GLU A 161 17.91 25.48 -20.98
C GLU A 161 18.83 26.48 -20.31
N LYS A 162 18.43 27.10 -19.19
CA LYS A 162 19.16 28.26 -18.70
C LYS A 162 19.86 28.02 -17.36
N ASP A 163 20.08 26.75 -16.99
CA ASP A 163 20.93 26.39 -15.87
C ASP A 163 20.64 27.15 -14.57
N PRO A 164 19.38 27.21 -14.13
CA PRO A 164 19.11 27.90 -12.86
C PRO A 164 19.79 27.26 -11.65
N ASN A 165 20.16 25.98 -11.64
CA ASN A 165 20.86 25.58 -10.43
C ASN A 165 22.35 25.99 -10.46
N GLY A 166 22.81 26.54 -11.58
CA GLY A 166 24.07 27.26 -11.60
C GLY A 166 25.29 26.40 -11.72
N ASN A 167 25.15 25.15 -12.12
CA ASN A 167 26.31 24.27 -12.12
C ASN A 167 26.92 24.08 -13.50
N GLY A 168 26.49 24.86 -14.49
CA GLY A 168 26.99 24.69 -15.86
C GLY A 168 26.67 23.35 -16.50
N LYS A 169 25.65 22.66 -16.00
CA LYS A 169 25.20 21.37 -16.52
C LYS A 169 23.72 21.44 -16.87
N LYS A 170 23.34 20.82 -17.97
CA LYS A 170 21.93 20.75 -18.35
C LYS A 170 21.33 19.54 -17.64
N ASP A 171 21.08 19.71 -16.33
CA ASP A 171 20.61 18.62 -15.51
C ASP A 171 19.25 18.89 -14.89
N GLU A 172 18.71 20.06 -15.13
CA GLU A 172 17.46 20.50 -14.51
C GLU A 172 16.32 19.62 -14.99
N VAL A 173 15.43 19.29 -14.06
CA VAL A 173 14.23 18.51 -14.32
C VAL A 173 13.05 19.46 -14.10
N PRO A 174 12.52 20.13 -15.12
CA PRO A 174 11.58 21.24 -14.85
C PRO A 174 10.29 20.82 -14.16
N PHE A 175 9.69 19.70 -14.55
CA PHE A 175 8.45 19.27 -13.95
C PHE A 175 8.56 17.80 -13.58
N PHE A 176 8.18 17.45 -12.35
CA PHE A 176 8.20 16.08 -11.86
C PHE A 176 6.93 15.79 -11.06
N VAL A 177 6.71 14.53 -10.78
CA VAL A 177 5.59 14.08 -9.98
C VAL A 177 6.11 13.09 -8.95
N ARG A 178 5.20 12.69 -8.07
CA ARG A 178 5.50 11.65 -7.07
C ARG A 178 4.38 10.61 -7.13
N ALA A 179 4.75 9.37 -7.42
CA ALA A 179 3.77 8.37 -7.75
C ALA A 179 4.40 7.00 -7.59
N ASN A 180 3.54 6.01 -7.39
CA ASN A 180 4.04 4.63 -7.45
C ASN A 180 3.21 3.72 -8.36
N ASN A 181 2.34 4.29 -9.20
CA ASN A 181 1.69 3.52 -10.26
C ASN A 181 1.31 4.45 -11.41
N VAL A 182 0.86 3.84 -12.51
CA VAL A 182 0.65 4.65 -13.70
C VAL A 182 -0.50 5.62 -13.47
N ARG A 183 -1.54 5.19 -12.77
CA ARG A 183 -2.69 6.07 -12.56
C ARG A 183 -2.27 7.32 -11.81
N LYS A 184 -1.42 7.15 -10.78
CA LYS A 184 -0.88 8.30 -10.04
C LYS A 184 0.05 9.18 -10.87
N VAL A 185 0.84 8.63 -11.79
CA VAL A 185 1.59 9.52 -12.67
C VAL A 185 0.63 10.37 -13.50
N LEU A 186 -0.31 9.72 -14.19
CA LEU A 186 -1.25 10.45 -15.04
C LEU A 186 -2.05 11.47 -14.25
N THR A 187 -2.44 11.13 -13.02
CA THR A 187 -3.22 12.05 -12.19
C THR A 187 -2.50 13.39 -12.03
N SER A 188 -1.19 13.36 -11.82
CA SER A 188 -0.42 14.56 -11.56
C SER A 188 0.17 15.18 -12.81
N LEU A 189 -0.07 14.59 -13.98
CA LEU A 189 0.30 15.21 -15.25
C LEU A 189 -0.87 15.81 -16.02
N VAL A 190 -2.02 15.11 -16.07
CA VAL A 190 -3.07 15.57 -16.98
C VAL A 190 -4.00 16.61 -16.35
N ASP A 191 -4.01 16.77 -15.02
CA ASP A 191 -4.85 17.82 -14.43
C ASP A 191 -4.43 19.21 -14.88
N LEU A 192 -3.12 19.39 -15.19
CA LEU A 192 -2.60 20.67 -15.68
C LEU A 192 -3.35 21.11 -16.93
N PHE A 193 -3.67 20.14 -17.78
CA PHE A 193 -4.38 20.34 -19.03
C PHE A 193 -5.88 20.19 -18.88
N LYS A 194 -6.39 20.26 -17.64
CA LYS A 194 -7.84 20.22 -17.37
C LYS A 194 -8.48 18.93 -17.89
N ALA A 195 -7.71 17.84 -17.90
CA ALA A 195 -8.20 16.52 -18.28
C ALA A 195 -8.27 15.67 -17.02
N SER A 196 -8.78 14.45 -17.15
CA SER A 196 -8.98 13.57 -15.97
C SER A 196 -8.65 12.15 -16.39
N PRO A 197 -7.95 11.37 -15.56
CA PRO A 197 -7.76 9.94 -15.84
C PRO A 197 -8.87 9.06 -15.31
N ILE A 198 -9.90 9.61 -14.70
CA ILE A 198 -10.94 8.81 -14.09
C ILE A 198 -12.32 9.31 -14.52
N TRP A 199 -13.37 8.86 -13.84
CA TRP A 199 -14.72 9.37 -14.12
C TRP A 199 -14.91 10.71 -13.41
N TYR A 200 -15.75 11.59 -13.97
CA TYR A 200 -15.92 12.93 -13.42
C TYR A 200 -17.31 13.42 -13.81
N GLU A 201 -17.72 14.55 -13.21
CA GLU A 201 -19.03 15.15 -13.47
C GLU A 201 -18.92 16.36 -14.38
N GLU A 202 -19.85 16.47 -15.33
CA GLU A 202 -19.86 17.61 -16.26
C GLU A 202 -21.32 17.90 -16.58
N ASN A 203 -21.76 19.12 -16.28
N ASN A 203 -21.78 19.11 -16.28
CA ASN A 203 -23.13 19.54 -16.60
CA ASN A 203 -23.14 19.49 -16.64
C ASN A 203 -24.14 18.53 -16.06
C ASN A 203 -24.15 18.51 -16.05
N GLY A 204 -23.91 18.06 -14.83
CA GLY A 204 -24.78 17.08 -14.20
C GLY A 204 -24.67 15.65 -14.70
N MET A 205 -23.82 15.36 -15.68
CA MET A 205 -23.68 14.01 -16.20
C MET A 205 -22.32 13.44 -15.83
N VAL A 206 -22.18 12.12 -15.86
CA VAL A 206 -20.90 11.51 -15.51
C VAL A 206 -20.21 11.10 -16.80
N LYS A 207 -18.91 11.38 -16.92
CA LYS A 207 -18.19 11.06 -18.13
C LYS A 207 -16.86 10.41 -17.79
N TYR A 208 -16.30 9.75 -18.76
CA TYR A 208 -15.03 9.01 -18.55
C TYR A 208 -13.90 9.90 -19.05
N GLY A 209 -13.06 10.37 -18.12
CA GLY A 209 -11.92 11.25 -18.42
C GLY A 209 -11.11 10.87 -19.65
N PRO A 210 -10.60 9.64 -19.65
CA PRO A 210 -9.72 9.16 -20.74
C PRO A 210 -10.35 9.12 -22.12
N ALA A 211 -11.68 9.28 -22.25
CA ALA A 211 -12.30 9.31 -23.58
C ALA A 211 -12.53 10.72 -24.10
N GLN A 212 -12.08 11.74 -23.38
CA GLN A 212 -12.38 13.13 -23.70
C GLN A 212 -11.32 13.80 -24.57
N LYS A 213 -11.76 14.81 -25.32
CA LYS A 213 -10.87 15.63 -26.14
C LYS A 213 -9.78 16.29 -25.30
N GLU A 214 -10.09 16.67 -24.07
CA GLU A 214 -9.05 17.26 -23.25
C GLU A 214 -7.99 16.24 -22.89
N PHE A 215 -8.37 14.98 -22.77
CA PHE A 215 -7.34 13.97 -22.49
C PHE A 215 -6.40 13.80 -23.68
N LYS A 216 -6.98 13.71 -24.88
CA LYS A 216 -6.19 13.66 -26.10
C LYS A 216 -5.22 14.83 -26.17
N HIS A 217 -5.72 16.03 -25.93
CA HIS A 217 -4.86 17.21 -25.97
C HIS A 217 -3.78 17.13 -24.89
N ALA A 218 -4.14 16.66 -23.69
CA ALA A 218 -3.16 16.55 -22.62
C ALA A 218 -2.02 15.59 -23.00
N ILE A 219 -2.36 14.41 -23.49
CA ILE A 219 -1.32 13.42 -23.81
C ILE A 219 -0.43 13.93 -24.92
N LYS A 220 -1.02 14.58 -25.93
CA LYS A 220 -0.24 15.16 -27.04
C LYS A 220 0.74 16.23 -26.55
N GLU A 221 0.24 17.16 -25.73
CA GLU A 221 1.12 18.16 -25.12
C GLU A 221 2.17 17.51 -24.22
N LEU A 222 1.75 16.61 -23.34
CA LEU A 222 2.74 15.97 -22.47
C LEU A 222 3.81 15.25 -23.29
N SER A 223 3.41 14.58 -24.37
CA SER A 223 4.41 13.91 -25.22
C SER A 223 5.43 14.91 -25.79
N LYS A 224 4.95 16.10 -26.18
CA LYS A 224 5.80 17.15 -26.70
C LYS A 224 6.72 17.70 -25.61
N TRP A 225 6.18 17.99 -24.42
CA TRP A 225 7.03 18.44 -23.34
C TRP A 225 8.04 17.37 -22.90
N TYR A 226 7.60 16.09 -22.86
CA TYR A 226 8.52 14.99 -22.53
C TYR A 226 9.71 14.96 -23.49
N LYS A 227 9.45 15.06 -24.80
CA LYS A 227 10.51 15.02 -25.81
C LYS A 227 11.49 16.18 -25.69
N GLU A 228 10.99 17.34 -25.28
CA GLU A 228 11.82 18.52 -25.10
C GLU A 228 12.52 18.56 -23.74
N GLY A 229 12.40 17.52 -22.91
CA GLY A 229 13.11 17.50 -21.63
C GLY A 229 12.48 18.36 -20.56
N LEU A 230 11.21 18.73 -20.75
CA LEU A 230 10.51 19.56 -19.75
C LEU A 230 9.88 18.72 -18.65
N ILE A 231 9.48 17.53 -18.96
CA ILE A 231 8.99 16.58 -18.00
C ILE A 231 10.09 15.57 -17.71
N ASP A 232 10.25 15.23 -16.43
CA ASP A 232 11.25 14.25 -15.97
C ASP A 232 11.31 13.05 -16.91
N GLU A 233 12.50 12.80 -17.49
CA GLU A 233 12.66 11.61 -18.33
C GLU A 233 12.21 10.35 -17.63
N GLU A 234 12.42 10.25 -16.31
N GLU A 234 12.44 10.23 -16.31
CA GLU A 234 12.06 9.05 -15.56
CA GLU A 234 12.11 9.02 -15.56
C GLU A 234 10.74 9.16 -14.80
C GLU A 234 10.76 9.09 -14.86
N ILE A 235 9.74 9.90 -15.34
N ILE A 235 9.79 9.83 -15.41
CA ILE A 235 8.49 10.06 -14.62
CA ILE A 235 8.56 10.09 -14.65
C ILE A 235 7.88 8.73 -14.23
C ILE A 235 7.81 8.80 -14.30
N PHE A 236 7.89 7.76 -15.16
CA PHE A 236 7.22 6.48 -14.95
C PHE A 236 8.10 5.43 -14.23
N THR A 237 9.38 5.70 -14.06
CA THR A 237 10.30 4.75 -13.40
C THR A 237 10.70 5.16 -11.98
N ARG A 238 10.82 6.47 -11.69
CA ARG A 238 11.13 6.83 -10.31
C ARG A 238 9.98 6.39 -9.45
N GLY A 239 10.21 6.25 -8.18
CA GLY A 239 8.97 5.97 -7.47
C GLY A 239 8.72 7.08 -6.49
N LEU A 240 8.36 6.68 -5.27
CA LEU A 240 7.96 7.63 -4.24
C LEU A 240 9.11 8.54 -3.83
N GLU A 241 10.36 8.17 -4.18
N GLU A 241 10.37 8.18 -4.15
CA GLU A 241 11.54 8.98 -3.83
CA GLU A 241 11.50 9.03 -3.79
C GLU A 241 11.73 10.18 -4.75
C GLU A 241 11.72 10.20 -4.74
N SER A 242 10.91 10.33 -5.81
CA SER A 242 11.17 11.36 -6.82
C SER A 242 11.29 12.76 -6.22
N ARG A 243 10.31 13.18 -5.42
CA ARG A 243 10.31 14.56 -4.94
C ARG A 243 11.52 14.82 -4.04
N ASP A 244 11.80 13.90 -3.13
CA ASP A 244 12.94 14.07 -2.24
C ASP A 244 14.25 14.11 -3.00
N TYR A 245 14.43 13.22 -3.97
CA TYR A 245 15.67 13.18 -4.74
C TYR A 245 15.84 14.45 -5.56
N LEU A 246 14.79 14.85 -6.30
CA LEU A 246 14.95 15.99 -7.19
C LEU A 246 15.04 17.29 -6.42
N LEU A 247 14.27 17.45 -5.32
CA LEU A 247 14.35 18.71 -4.59
C LEU A 247 15.66 18.83 -3.81
N SER A 248 16.03 17.78 -3.07
CA SER A 248 17.23 17.84 -2.24
C SER A 248 18.51 17.96 -3.04
N ASN A 249 18.53 17.54 -4.31
CA ASN A 249 19.70 17.69 -5.17
C ASN A 249 19.61 18.93 -6.07
N ASN A 250 18.58 19.76 -5.87
CA ASN A 250 18.41 21.03 -6.59
C ASN A 250 18.29 20.83 -8.10
N LEU A 251 17.53 19.80 -8.50
CA LEU A 251 17.24 19.52 -9.89
C LEU A 251 15.81 19.85 -10.30
N GLY A 252 14.86 19.74 -9.38
CA GLY A 252 13.43 19.89 -9.74
C GLY A 252 12.89 21.31 -9.65
N GLY A 253 12.13 21.69 -10.67
CA GLY A 253 11.60 23.06 -10.79
C GLY A 253 10.11 23.27 -10.47
N ALA A 254 9.31 22.21 -10.53
CA ALA A 254 7.85 22.38 -10.46
C ALA A 254 7.23 21.03 -10.28
N THR A 255 6.07 21.00 -9.59
CA THR A 255 5.37 19.72 -9.47
C THR A 255 3.90 20.00 -9.19
N ASP A 256 3.19 18.91 -9.01
CA ASP A 256 1.76 18.91 -8.66
C ASP A 256 1.69 17.81 -7.61
N ASP A 257 1.51 18.20 -6.35
CA ASP A 257 1.63 17.19 -5.29
C ASP A 257 0.90 17.71 -4.06
N TRP A 258 0.80 16.85 -3.06
CA TRP A 258 0.06 17.14 -1.84
C TRP A 258 0.59 18.40 -1.18
N ILE A 259 -0.33 19.30 -0.77
CA ILE A 259 0.10 20.63 -0.35
C ILE A 259 0.80 20.58 0.99
N ALA A 260 0.29 19.83 1.96
CA ALA A 260 0.91 19.91 3.28
C ALA A 260 2.34 19.38 3.26
N SER A 261 2.55 18.22 2.65
CA SER A 261 3.90 17.66 2.67
C SER A 261 4.85 18.42 1.72
N THR A 262 4.38 18.80 0.53
CA THR A 262 5.28 19.50 -0.38
C THR A 262 5.66 20.88 0.18
N SER A 263 4.77 21.53 0.96
CA SER A 263 5.10 22.86 1.53
C SER A 263 6.15 22.76 2.66
N SER A 264 6.48 21.53 3.13
CA SER A 264 7.54 21.34 4.11
C SER A 264 8.95 21.52 3.57
N TYR A 265 9.14 21.58 2.24
CA TYR A 265 10.52 21.49 1.78
C TYR A 265 11.26 22.80 1.99
N ASN A 266 10.56 23.94 1.97
CA ASN A 266 11.27 25.22 2.20
C ASN A 266 12.01 25.20 3.53
N ARG A 267 11.33 24.77 4.60
CA ARG A 267 11.99 24.76 5.90
C ARG A 267 13.10 23.73 5.98
N ASN A 268 12.97 22.61 5.26
CA ASN A 268 13.98 21.56 5.34
C ASN A 268 15.20 21.81 4.47
N LEU A 269 15.06 22.54 3.37
CA LEU A 269 16.17 22.67 2.44
C LEU A 269 16.80 24.06 2.45
N ALA A 270 16.36 24.94 3.37
CA ALA A 270 16.84 26.32 3.41
C ALA A 270 18.33 26.42 3.71
N ASP A 271 18.82 25.65 4.68
CA ASP A 271 20.25 25.65 5.00
C ASP A 271 21.10 25.02 3.92
N LYS A 272 20.51 24.16 3.10
CA LYS A 272 21.27 23.36 2.15
C LYS A 272 21.33 23.97 0.78
N ILE A 273 20.24 24.58 0.32
CA ILE A 273 20.15 25.19 -1.00
C ILE A 273 19.80 26.66 -0.79
N PRO A 274 20.80 27.55 -0.81
CA PRO A 274 20.52 28.95 -0.49
C PRO A 274 19.53 29.52 -1.49
N GLY A 275 18.54 30.19 -0.96
CA GLY A 275 17.52 30.78 -1.78
C GLY A 275 16.34 29.87 -2.11
N PHE A 276 16.42 28.56 -1.80
CA PHE A 276 15.35 27.61 -2.14
C PHE A 276 13.98 28.10 -1.72
N ASN A 277 13.06 28.17 -2.67
CA ASN A 277 11.68 28.57 -2.36
C ASN A 277 10.81 27.86 -3.37
N LEU A 278 10.26 26.70 -2.95
CA LEU A 278 9.29 25.98 -3.75
C LEU A 278 7.91 26.46 -3.32
N LYS A 279 7.24 27.18 -4.20
CA LYS A 279 6.08 28.01 -3.83
C LYS A 279 4.79 27.49 -4.43
N LEU A 280 3.72 27.49 -3.62
CA LEU A 280 2.41 27.10 -4.09
C LEU A 280 1.79 28.20 -4.93
N VAL A 281 1.29 27.84 -6.12
CA VAL A 281 0.61 28.77 -7.02
C VAL A 281 -0.75 28.18 -7.32
N LEU A 282 -1.67 29.07 -7.78
CA LEU A 282 -2.98 28.58 -8.18
C LEU A 282 -2.84 27.75 -9.47
N PRO A 283 -3.80 26.88 -9.74
CA PRO A 283 -3.78 26.12 -11.00
C PRO A 283 -3.65 27.03 -12.21
N TYR A 284 -2.89 26.55 -13.20
CA TYR A 284 -2.67 27.33 -14.40
C TYR A 284 -3.92 27.36 -15.26
N GLU A 285 -4.14 28.47 -15.96
CA GLU A 285 -5.35 28.60 -16.75
C GLU A 285 -5.17 28.00 -18.15
N LEU A 286 -6.21 27.31 -18.64
CA LEU A 286 -6.22 26.79 -20.01
C LEU A 286 -7.58 27.10 -20.60
N ASN A 287 -7.62 27.94 -21.64
CA ASN A 287 -8.86 28.21 -22.36
C ASN A 287 -9.96 28.66 -21.39
N GLY A 288 -9.59 29.52 -20.45
CA GLY A 288 -10.57 30.09 -19.54
C GLY A 288 -10.86 29.28 -18.29
N ASN A 289 -10.23 28.12 -18.12
CA ASN A 289 -10.50 27.21 -17.01
C ASN A 289 -9.29 27.24 -16.09
N ALA A 290 -9.47 27.64 -14.84
CA ALA A 290 -8.34 27.68 -13.91
C ALA A 290 -8.62 26.87 -12.65
N LYS A 291 -9.33 25.76 -12.81
CA LYS A 291 -9.71 24.86 -11.73
C LYS A 291 -8.75 23.69 -11.68
N THR A 292 -8.73 23.03 -10.52
CA THR A 292 -8.09 21.72 -10.37
C THR A 292 -9.14 20.71 -9.94
N ARG A 293 -9.01 19.48 -10.46
CA ARG A 293 -9.84 18.37 -10.00
C ARG A 293 -9.23 17.63 -8.84
N HIS A 294 -8.05 18.05 -8.32
CA HIS A 294 -7.54 17.40 -7.10
C HIS A 294 -8.36 17.88 -5.91
N ALA A 295 -9.04 16.96 -5.22
CA ALA A 295 -9.87 17.33 -4.11
C ALA A 295 -9.85 16.20 -3.08
N ARG A 296 -10.09 16.57 -1.82
CA ARG A 296 -10.37 15.58 -0.80
C ARG A 296 -11.73 14.90 -1.05
N THR A 297 -12.01 13.85 -0.29
CA THR A 297 -13.27 13.14 -0.39
C THR A 297 -14.19 13.57 0.78
N THR A 298 -15.47 13.19 0.72
CA THR A 298 -16.38 13.63 1.78
C THR A 298 -16.48 12.66 2.95
N TYR A 299 -16.20 11.36 2.76
CA TYR A 299 -16.30 10.47 3.90
C TYR A 299 -15.47 9.22 3.70
N LEU A 300 -15.23 8.52 4.80
CA LEU A 300 -14.65 7.18 4.73
C LEU A 300 -15.31 6.32 5.78
N GLY A 301 -15.91 5.21 5.38
CA GLY A 301 -16.45 4.28 6.37
C GLY A 301 -17.74 4.79 6.98
N GLY A 302 -18.28 4.01 7.93
CA GLY A 302 -19.49 4.44 8.61
C GLY A 302 -19.99 3.37 9.55
N TRP A 303 -21.15 3.62 10.17
CA TRP A 303 -21.72 2.61 11.05
C TRP A 303 -23.25 2.61 11.01
N GLY A 304 -23.83 1.47 11.38
CA GLY A 304 -25.26 1.25 11.30
C GLY A 304 -25.72 0.43 12.48
N ILE A 305 -27.06 0.21 12.53
CA ILE A 305 -27.74 -0.53 13.59
C ILE A 305 -28.25 -1.85 13.04
N SER A 306 -27.96 -2.94 13.76
CA SER A 306 -28.35 -4.23 13.18
C SER A 306 -29.79 -4.58 13.49
N LYS A 307 -30.29 -5.55 12.73
CA LYS A 307 -31.62 -6.09 12.94
C LYS A 307 -31.76 -6.68 14.33
N ASP A 308 -30.69 -6.94 15.03
CA ASP A 308 -30.77 -7.60 16.34
C ASP A 308 -30.70 -6.64 17.51
N ALA A 309 -30.50 -5.34 17.25
CA ALA A 309 -30.56 -4.38 18.33
C ALA A 309 -31.99 -4.28 18.86
N LYS A 310 -32.12 -4.36 20.17
CA LYS A 310 -33.46 -4.35 20.78
C LYS A 310 -34.01 -2.96 20.92
N ASP A 311 -33.15 -1.94 21.02
CA ASP A 311 -33.59 -0.56 21.26
C ASP A 311 -32.94 0.34 20.24
N PRO A 312 -33.37 0.28 18.98
CA PRO A 312 -32.72 1.13 17.96
C PRO A 312 -32.95 2.60 18.20
N VAL A 313 -34.07 2.98 18.82
CA VAL A 313 -34.27 4.41 19.08
C VAL A 313 -33.18 4.96 19.98
N SER A 314 -32.83 4.25 21.07
CA SER A 314 -31.70 4.71 21.89
C SER A 314 -30.39 4.76 21.10
N LEU A 315 -30.16 3.79 20.23
CA LEU A 315 -28.91 3.79 19.46
C LEU A 315 -28.87 4.95 18.46
N ILE A 316 -30.01 5.29 17.80
CA ILE A 316 -29.91 6.43 16.89
C ILE A 316 -29.57 7.70 17.66
N LYS A 317 -29.92 7.76 18.96
CA LYS A 317 -29.55 8.93 19.76
C LYS A 317 -28.07 8.93 20.12
N TYR A 318 -27.49 7.75 20.30
CA TYR A 318 -26.05 7.66 20.44
C TYR A 318 -25.35 8.14 19.16
N PHE A 319 -25.88 7.76 18.00
CA PHE A 319 -25.34 8.24 16.75
C PHE A 319 -25.43 9.75 16.70
N ASP A 320 -26.57 10.28 17.14
CA ASP A 320 -26.81 11.73 17.11
C ASP A 320 -25.90 12.51 18.05
N TYR A 321 -25.50 11.91 19.17
CA TYR A 321 -24.58 12.55 20.11
C TYR A 321 -23.31 13.07 19.43
N TRP A 322 -22.77 12.32 18.46
CA TRP A 322 -21.54 12.72 17.79
C TRP A 322 -21.75 13.94 16.89
N TYR A 323 -22.99 14.34 16.67
CA TYR A 323 -23.32 15.51 15.88
C TYR A 323 -23.79 16.67 16.75
N SER A 324 -23.87 16.48 18.06
CA SER A 324 -24.08 17.62 18.95
C SER A 324 -22.80 18.46 19.02
N VAL A 325 -22.95 19.68 19.53
CA VAL A 325 -21.76 20.52 19.62
C VAL A 325 -20.70 19.89 20.49
N GLU A 326 -21.09 19.40 21.68
CA GLU A 326 -20.05 18.89 22.56
C GLU A 326 -19.57 17.51 22.12
N GLY A 327 -20.45 16.69 21.54
CA GLY A 327 -20.01 15.35 21.12
C GLY A 327 -19.04 15.41 19.96
N ARG A 328 -19.31 16.29 18.99
CA ARG A 328 -18.37 16.49 17.88
C ARG A 328 -17.03 17.04 18.38
N ARG A 329 -17.04 17.97 19.33
CA ARG A 329 -15.77 18.48 19.85
C ARG A 329 -14.99 17.40 20.59
N LEU A 330 -15.71 16.55 21.34
CA LEU A 330 -15.10 15.42 22.03
C LEU A 330 -14.38 14.52 21.03
N TRP A 331 -15.08 14.18 19.95
CA TRP A 331 -14.52 13.23 18.97
C TRP A 331 -13.28 13.80 18.30
N ASN A 332 -13.30 15.10 18.02
CA ASN A 332 -12.23 15.73 17.27
C ASN A 332 -11.04 16.11 18.13
N PHE A 333 -11.31 16.59 19.35
CA PHE A 333 -10.29 17.25 20.14
C PHE A 333 -9.90 16.50 21.40
N GLY A 334 -10.61 15.44 21.79
CA GLY A 334 -10.29 14.79 23.07
C GLY A 334 -10.98 15.45 24.27
N ILE A 335 -10.28 15.49 25.41
CA ILE A 335 -10.87 15.85 26.70
C ILE A 335 -10.38 17.25 27.08
N GLU A 336 -11.31 18.12 27.44
CA GLU A 336 -10.96 19.45 27.93
C GLU A 336 -10.15 19.35 29.22
N GLY A 337 -9.05 20.13 29.29
CA GLY A 337 -8.14 20.08 30.41
C GLY A 337 -7.04 19.06 30.28
N SER A 338 -7.10 18.19 29.26
CA SER A 338 -6.05 17.23 28.98
C SER A 338 -5.48 17.42 27.58
N GLU A 339 -6.30 17.26 26.54
CA GLU A 339 -5.85 17.46 25.17
C GLU A 339 -6.01 18.91 24.70
N TYR A 340 -6.91 19.68 25.28
CA TYR A 340 -7.11 21.05 24.83
C TYR A 340 -7.68 21.82 26.00
N THR A 341 -7.58 23.17 25.92
CA THR A 341 -8.33 24.07 26.77
C THR A 341 -9.20 24.98 25.90
N LEU A 342 -10.22 25.55 26.51
CA LEU A 342 -11.05 26.53 25.81
C LEU A 342 -10.43 27.90 25.99
N VAL A 343 -10.05 28.53 24.89
CA VAL A 343 -9.53 29.89 24.88
C VAL A 343 -10.53 30.72 24.09
N ASP A 344 -11.23 31.61 24.79
CA ASP A 344 -12.28 32.42 24.18
C ASP A 344 -13.29 31.55 23.46
N GLY A 345 -13.69 30.45 24.12
CA GLY A 345 -14.73 29.56 23.63
C GLY A 345 -14.30 28.52 22.64
N LYS A 346 -13.06 28.53 22.20
CA LYS A 346 -12.56 27.72 21.10
C LYS A 346 -11.40 26.81 21.56
N PRO A 347 -11.38 25.54 21.13
CA PRO A 347 -10.33 24.65 21.63
C PRO A 347 -8.96 25.04 21.12
N VAL A 348 -7.98 25.00 22.01
CA VAL A 348 -6.56 25.16 21.69
C VAL A 348 -5.82 23.97 22.29
N PHE A 349 -5.10 23.21 21.47
CA PHE A 349 -4.47 22.01 21.96
C PHE A 349 -3.38 22.37 22.97
N THR A 350 -3.18 21.47 23.93
CA THR A 350 -2.16 21.60 24.97
C THR A 350 -0.81 21.09 24.49
N ASP A 351 0.22 21.34 25.32
CA ASP A 351 1.54 20.80 25.01
C ASP A 351 1.53 19.28 24.90
N LYS A 352 0.72 18.60 25.70
CA LYS A 352 0.60 17.14 25.58
C LYS A 352 0.36 16.73 24.12
N VAL A 353 -0.43 17.52 23.39
CA VAL A 353 -0.77 17.19 22.01
C VAL A 353 0.22 17.79 21.03
N LEU A 354 0.63 19.05 21.23
CA LEU A 354 1.43 19.72 20.23
C LEU A 354 2.93 19.51 20.41
N LYS A 355 3.36 19.16 21.62
CA LYS A 355 4.80 19.01 21.89
C LYS A 355 5.07 17.70 22.63
N ASN A 356 4.52 16.57 22.16
CA ASN A 356 4.73 15.31 22.86
C ASN A 356 6.24 15.05 23.03
N PRO A 357 6.71 14.78 24.23
CA PRO A 357 8.17 14.65 24.43
C PRO A 357 8.77 13.41 23.80
N ASP A 358 7.98 12.41 23.42
CA ASP A 358 8.53 11.25 22.74
C ASP A 358 8.52 11.36 21.21
N GLY A 359 8.15 12.51 20.65
CA GLY A 359 8.13 12.67 19.21
C GLY A 359 6.81 12.31 18.53
N LYS A 360 5.81 11.83 19.27
CA LYS A 360 4.51 11.50 18.68
C LYS A 360 3.86 12.72 18.05
N THR A 361 3.27 12.52 16.86
CA THR A 361 2.49 13.57 16.23
C THR A 361 1.26 13.92 17.06
N PRO A 362 0.72 15.11 16.88
CA PRO A 362 -0.54 15.48 17.55
C PRO A 362 -1.68 14.50 17.28
N LEU A 363 -1.84 14.09 16.01
CA LEU A 363 -2.88 13.12 15.68
C LEU A 363 -2.62 11.78 16.37
N ALA A 364 -1.35 11.37 16.48
CA ALA A 364 -1.08 10.13 17.20
C ALA A 364 -1.43 10.26 18.66
N VAL A 365 -1.16 11.43 19.25
CA VAL A 365 -1.53 11.59 20.66
C VAL A 365 -3.04 11.58 20.82
N LEU A 366 -3.74 12.33 19.97
CA LEU A 366 -5.21 12.34 19.99
C LEU A 366 -5.78 10.94 19.83
N ARG A 367 -5.28 10.18 18.85
CA ARG A 367 -5.81 8.82 18.69
C ARG A 367 -5.68 8.00 19.94
N GLU A 368 -4.62 8.22 20.73
CA GLU A 368 -4.43 7.41 21.94
C GLU A 368 -5.51 7.67 23.00
N VAL A 369 -6.23 8.79 22.93
CA VAL A 369 -7.32 9.02 23.87
C VAL A 369 -8.65 8.64 23.28
N GLY A 370 -8.65 8.07 22.08
CA GLY A 370 -9.85 7.70 21.37
C GLY A 370 -10.44 8.77 20.50
N ALA A 371 -9.81 9.94 20.43
CA ALA A 371 -10.22 10.94 19.49
C ALA A 371 -9.96 10.45 18.08
N GLN A 372 -10.75 10.96 17.11
CA GLN A 372 -10.55 10.70 15.68
C GLN A 372 -10.76 9.23 15.32
N TYR A 373 -11.37 8.45 16.22
CA TYR A 373 -11.59 7.03 15.97
C TYR A 373 -12.75 6.83 14.96
N ARG A 374 -12.45 6.31 13.78
CA ARG A 374 -13.42 6.26 12.68
C ARG A 374 -14.63 5.43 13.07
N LEU A 375 -15.80 6.06 13.06
CA LEU A 375 -17.09 5.44 13.35
C LEU A 375 -18.08 5.97 12.34
N GLY A 376 -19.02 6.81 12.79
CA GLY A 376 -19.88 7.53 11.88
C GLY A 376 -19.95 9.01 12.31
N ALA A 377 -18.80 9.59 12.62
CA ALA A 377 -18.74 10.93 13.21
C ALA A 377 -18.41 11.96 12.14
N PHE A 378 -18.30 13.21 12.57
CA PHE A 378 -18.15 14.34 11.65
C PHE A 378 -16.84 15.08 12.02
N GLN A 379 -15.78 14.89 11.22
CA GLN A 379 -14.54 15.57 11.51
C GLN A 379 -14.74 17.06 11.44
N ASP A 380 -13.90 17.81 12.17
CA ASP A 380 -13.97 19.28 12.23
C ASP A 380 -12.64 19.86 11.75
N ALA A 381 -12.67 20.66 10.67
CA ALA A 381 -11.41 21.18 10.13
C ALA A 381 -10.64 22.02 11.15
N GLN A 382 -11.33 22.53 12.19
CA GLN A 382 -10.65 23.28 13.25
C GLN A 382 -9.72 22.40 14.08
N TYR A 383 -10.02 21.11 14.15
CA TYR A 383 -9.08 20.19 14.77
C TYR A 383 -7.78 20.14 13.96
N GLU A 384 -7.89 20.07 12.63
CA GLU A 384 -6.72 19.99 11.77
C GLU A 384 -5.93 21.30 11.81
N LEU A 385 -6.61 22.44 11.70
CA LEU A 385 -5.89 23.71 11.79
C LEU A 385 -5.26 23.92 13.17
N GLY A 386 -5.76 23.23 14.20
CA GLY A 386 -5.17 23.30 15.51
C GLY A 386 -3.75 22.80 15.59
N TRP A 387 -3.35 21.93 14.67
CA TRP A 387 -1.97 21.45 14.74
C TRP A 387 -1.20 21.55 13.44
N ALA A 388 -1.83 21.85 12.30
CA ALA A 388 -1.14 21.80 11.02
C ALA A 388 -0.07 22.89 10.99
N SER A 389 0.91 22.70 10.13
CA SER A 389 2.00 23.65 10.02
C SER A 389 1.50 24.95 9.43
N GLU A 390 2.25 26.02 9.70
CA GLU A 390 1.84 27.30 9.12
C GLU A 390 1.78 27.22 7.60
N SER A 391 2.73 26.50 6.97
CA SER A 391 2.72 26.48 5.51
C SER A 391 1.57 25.66 4.96
N ALA A 392 1.24 24.54 5.63
CA ALA A 392 0.04 23.78 5.27
C ALA A 392 -1.21 24.65 5.34
N LYS A 393 -1.38 25.34 6.46
CA LYS A 393 -2.62 26.12 6.63
C LYS A 393 -2.69 27.25 5.60
N ALA A 394 -1.53 27.86 5.31
CA ALA A 394 -1.48 28.91 4.28
C ALA A 394 -1.91 28.37 2.93
N GLY A 395 -1.45 27.18 2.58
CA GLY A 395 -1.84 26.59 1.31
C GLY A 395 -3.32 26.25 1.26
N TYR A 396 -3.87 25.65 2.34
CA TYR A 396 -5.30 25.37 2.38
C TYR A 396 -6.10 26.66 2.19
N LYS A 397 -5.70 27.70 2.90
CA LYS A 397 -6.47 28.95 2.83
C LYS A 397 -6.43 29.50 1.41
N TYR A 398 -5.25 29.44 0.77
CA TYR A 398 -5.09 30.03 -0.55
C TYR A 398 -5.98 29.34 -1.58
N TYR A 399 -6.00 28.00 -1.57
CA TYR A 399 -6.83 27.29 -2.53
C TYR A 399 -8.31 27.40 -2.19
N MET A 400 -8.63 27.44 -0.90
CA MET A 400 -10.04 27.59 -0.52
C MET A 400 -10.55 28.99 -0.87
N ASP A 401 -9.79 30.03 -0.53
CA ASP A 401 -10.28 31.40 -0.77
C ASP A 401 -10.47 31.69 -2.25
N ASN A 402 -9.64 31.09 -3.10
CA ASN A 402 -9.72 31.33 -4.52
C ASN A 402 -10.68 30.41 -5.25
N ASP A 403 -11.34 29.52 -4.51
CA ASP A 403 -12.37 28.63 -5.07
C ASP A 403 -11.86 27.90 -6.31
N VAL A 404 -10.63 27.33 -6.24
CA VAL A 404 -10.11 26.68 -7.43
C VAL A 404 -10.37 25.18 -7.46
N VAL A 405 -10.83 24.60 -6.38
CA VAL A 405 -10.98 23.15 -6.30
C VAL A 405 -12.40 22.74 -6.73
N LEU A 406 -12.48 21.78 -7.67
CA LEU A 406 -13.74 21.21 -8.13
C LEU A 406 -14.06 19.98 -7.32
N ASP A 407 -15.33 19.81 -6.96
CA ASP A 407 -15.69 18.60 -6.19
C ASP A 407 -15.43 17.34 -6.98
N GLU A 408 -14.85 16.35 -6.31
CA GLU A 408 -14.66 15.07 -6.96
C GLU A 408 -16.02 14.37 -7.14
N LEU A 409 -16.06 13.46 -8.12
CA LEU A 409 -17.22 12.59 -8.26
C LEU A 409 -17.42 11.86 -6.93
N PRO A 410 -18.64 11.78 -6.44
CA PRO A 410 -18.88 11.12 -5.16
C PRO A 410 -18.70 9.62 -5.29
N ILE A 411 -18.47 8.96 -4.17
CA ILE A 411 -18.55 7.51 -4.17
C ILE A 411 -19.97 7.11 -4.54
N LEU A 412 -20.12 6.43 -5.68
CA LEU A 412 -21.48 6.18 -6.18
C LEU A 412 -22.03 4.87 -5.61
N LYS A 413 -23.35 4.73 -5.67
CA LYS A 413 -24.02 3.55 -5.12
C LYS A 413 -24.60 2.70 -6.24
N TYR A 414 -24.36 1.38 -6.17
CA TYR A 414 -24.83 0.45 -7.18
C TYR A 414 -25.43 -0.75 -6.48
N THR A 415 -26.36 -1.43 -7.15
CA THR A 415 -26.68 -2.79 -6.70
C THR A 415 -25.46 -3.70 -6.84
N LYS A 416 -25.47 -4.83 -6.15
CA LYS A 416 -24.33 -5.74 -6.29
C LYS A 416 -24.09 -6.10 -7.75
N GLU A 417 -25.16 -6.35 -8.53
CA GLU A 417 -24.99 -6.81 -9.90
C GLU A 417 -24.46 -5.72 -10.83
N LYS A 418 -25.00 -4.49 -10.73
CA LYS A 418 -24.47 -3.37 -11.51
C LYS A 418 -23.02 -3.04 -11.14
N SER A 419 -22.67 -3.21 -9.86
CA SER A 419 -21.28 -3.00 -9.43
C SER A 419 -20.32 -3.95 -10.13
N LYS A 420 -20.61 -5.26 -10.08
CA LYS A 420 -19.80 -6.24 -10.80
C LYS A 420 -19.68 -5.85 -12.26
N GLU A 421 -20.81 -5.56 -12.91
CA GLU A 421 -20.78 -5.20 -14.32
C GLU A 421 -19.92 -3.94 -14.54
N PHE A 422 -20.10 -2.91 -13.72
CA PHE A 422 -19.32 -1.69 -13.88
C PHE A 422 -17.84 -1.94 -13.61
N VAL A 423 -17.51 -2.63 -12.50
CA VAL A 423 -16.11 -2.84 -12.19
C VAL A 423 -15.41 -3.64 -13.27
N SER A 424 -16.08 -4.65 -13.84
CA SER A 424 -15.43 -5.44 -14.88
C SER A 424 -15.07 -4.55 -16.07
N ILE A 425 -15.96 -3.58 -16.39
CA ILE A 425 -15.66 -2.68 -17.49
C ILE A 425 -14.59 -1.69 -17.09
N ASP A 426 -14.77 -1.06 -15.94
CA ASP A 426 -13.85 -0.03 -15.51
C ASP A 426 -12.43 -0.59 -15.39
N THR A 427 -12.29 -1.84 -14.93
CA THR A 427 -10.95 -2.47 -14.84
C THR A 427 -10.32 -2.69 -16.22
N ALA A 428 -11.10 -3.22 -17.16
CA ALA A 428 -10.57 -3.47 -18.51
C ALA A 428 -10.14 -2.16 -19.20
N MET A 429 -10.98 -1.12 -19.10
CA MET A 429 -10.59 0.13 -19.72
C MET A 429 -9.34 0.70 -19.07
N ARG A 430 -9.25 0.66 -17.75
CA ARG A 430 -8.05 1.16 -17.06
C ARG A 430 -6.78 0.56 -17.66
N ALA A 431 -6.80 -0.74 -17.93
CA ALA A 431 -5.59 -1.37 -18.42
C ALA A 431 -5.23 -0.81 -19.79
N VAL A 432 -6.25 -0.53 -20.62
CA VAL A 432 -5.97 0.01 -21.94
C VAL A 432 -5.46 1.44 -21.83
N VAL A 433 -6.17 2.27 -21.07
CA VAL A 433 -5.75 3.67 -20.96
C VAL A 433 -4.32 3.76 -20.46
N GLU A 434 -3.98 2.97 -19.46
CA GLU A 434 -2.65 3.14 -18.88
C GLU A 434 -1.57 2.66 -19.84
N GLU A 435 -1.83 1.58 -20.55
CA GLU A 435 -0.88 1.12 -21.56
C GLU A 435 -0.70 2.16 -22.64
N LYS A 436 -1.80 2.66 -23.21
CA LYS A 436 -1.67 3.59 -24.33
C LYS A 436 -1.10 4.93 -23.90
N ALA A 437 -1.56 5.48 -22.78
CA ALA A 437 -1.11 6.84 -22.42
C ALA A 437 0.38 6.86 -22.10
N GLN A 438 0.88 5.83 -21.41
CA GLN A 438 2.31 5.80 -21.10
C GLN A 438 3.13 5.75 -22.38
N GLN A 439 2.72 4.89 -23.32
CA GLN A 439 3.50 4.78 -24.55
C GLN A 439 3.42 6.05 -25.38
N TRP A 440 2.21 6.66 -25.49
CA TRP A 440 2.11 7.94 -26.18
C TRP A 440 3.00 9.02 -25.53
N ILE A 441 2.98 9.12 -24.20
CA ILE A 441 3.72 10.20 -23.54
C ILE A 441 5.21 10.04 -23.78
N LEU A 442 5.66 8.81 -23.83
CA LEU A 442 7.10 8.54 -24.02
C LEU A 442 7.52 8.58 -25.48
N GLY A 443 6.59 8.91 -26.38
CA GLY A 443 6.92 9.23 -27.76
C GLY A 443 6.74 8.09 -28.71
N SER A 444 6.04 7.04 -28.32
CA SER A 444 5.77 5.96 -29.24
C SER A 444 4.54 6.28 -30.08
N GLY A 445 4.59 5.92 -31.36
CA GLY A 445 3.44 6.05 -32.21
C GLY A 445 2.99 7.49 -32.40
N ASP A 446 1.70 7.64 -32.63
CA ASP A 446 1.14 8.94 -32.94
C ASP A 446 -0.29 8.93 -32.43
N ILE A 447 -0.58 9.82 -31.47
CA ILE A 447 -1.90 9.75 -30.86
C ILE A 447 -2.96 10.19 -31.85
N ASP A 448 -2.64 11.14 -32.74
CA ASP A 448 -3.63 11.58 -33.73
C ASP A 448 -4.06 10.43 -34.64
N LYS A 449 -3.11 9.59 -35.07
CA LYS A 449 -3.45 8.44 -35.91
C LYS A 449 -4.08 7.30 -35.12
N GLU A 450 -3.81 7.20 -33.82
CA GLU A 450 -4.23 6.06 -33.03
C GLU A 450 -5.44 6.33 -32.15
N TRP A 451 -5.85 7.59 -32.02
CA TRP A 451 -6.89 7.91 -31.05
C TRP A 451 -8.18 7.16 -31.34
N ASP A 452 -8.60 7.13 -32.61
CA ASP A 452 -9.90 6.56 -32.92
C ASP A 452 -9.96 5.07 -32.59
N ALA A 453 -8.95 4.31 -32.99
CA ALA A 453 -8.93 2.88 -32.66
C ALA A 453 -8.90 2.68 -31.15
N TYR A 454 -8.22 3.58 -30.42
CA TYR A 454 -8.22 3.46 -28.96
C TYR A 454 -9.64 3.68 -28.42
N ILE A 455 -10.34 4.67 -28.95
CA ILE A 455 -11.71 4.89 -28.48
C ILE A 455 -12.57 3.68 -28.80
N LYS A 456 -12.35 3.05 -29.96
CA LYS A 456 -13.21 1.93 -30.31
C LYS A 456 -12.91 0.74 -29.41
N ARG A 457 -11.64 0.58 -29.02
CA ARG A 457 -11.30 -0.47 -28.08
C ARG A 457 -12.02 -0.26 -26.75
N LEU A 458 -12.10 0.99 -26.29
CA LEU A 458 -12.83 1.27 -25.04
C LEU A 458 -14.31 0.96 -25.23
N GLU A 459 -14.90 1.36 -26.35
CA GLU A 459 -16.30 1.01 -26.60
C GLU A 459 -16.52 -0.50 -26.67
N ASN A 460 -15.60 -1.22 -27.30
CA ASN A 460 -15.72 -2.69 -27.37
C ASN A 460 -15.60 -3.32 -26.00
N LEU A 461 -14.89 -2.66 -25.07
CA LEU A 461 -14.81 -3.19 -23.72
C LEU A 461 -16.03 -2.82 -22.88
N GLY A 462 -16.88 -1.94 -23.40
CA GLY A 462 -18.09 -1.69 -22.66
C GLY A 462 -18.26 -0.26 -22.20
N LEU A 463 -17.55 0.70 -22.80
CA LEU A 463 -17.60 2.07 -22.29
C LEU A 463 -19.04 2.57 -22.18
N SER A 464 -19.84 2.40 -23.24
CA SER A 464 -21.21 2.91 -23.23
C SER A 464 -22.02 2.32 -22.08
N LYS A 465 -21.89 1.02 -21.83
CA LYS A 465 -22.61 0.42 -20.71
C LYS A 465 -22.16 1.00 -19.38
N ALA A 466 -20.87 1.18 -19.21
CA ALA A 466 -20.38 1.78 -17.98
C ALA A 466 -20.88 3.22 -17.81
N GLU A 467 -20.93 3.99 -18.89
CA GLU A 467 -21.51 5.34 -18.81
C GLU A 467 -22.96 5.26 -18.37
N GLN A 468 -23.73 4.32 -18.94
CA GLN A 468 -25.13 4.16 -18.56
C GLN A 468 -25.23 3.88 -17.06
N ILE A 469 -24.39 2.98 -16.54
CA ILE A 469 -24.49 2.62 -15.14
C ILE A 469 -24.08 3.78 -14.25
N GLN A 470 -22.96 4.46 -14.59
CA GLN A 470 -22.52 5.62 -13.82
C GLN A 470 -23.58 6.72 -13.78
N ASN A 471 -24.18 7.06 -14.93
CA ASN A 471 -25.18 8.11 -14.92
C ASN A 471 -26.43 7.72 -14.12
N GLU A 472 -26.85 6.44 -14.16
CA GLU A 472 -27.96 6.04 -13.30
C GLU A 472 -27.63 6.27 -11.84
N ALA A 473 -26.39 5.91 -11.47
CA ALA A 473 -26.01 5.88 -10.05
C ALA A 473 -25.85 7.28 -9.48
N PHE A 474 -25.46 8.25 -10.31
CA PHE A 474 -25.11 9.58 -9.81
C PHE A 474 -26.28 10.24 -9.06
N LYS B 2 32.59 4.35 23.06
CA LYS B 2 32.70 4.91 21.71
C LYS B 2 31.37 5.44 21.14
N GLU B 3 31.18 6.75 20.97
CA GLU B 3 29.90 7.25 20.42
C GLU B 3 29.96 7.27 18.91
N THR B 4 28.93 6.74 18.28
CA THR B 4 28.93 6.45 16.86
C THR B 4 27.65 7.02 16.28
N THR B 5 27.77 7.91 15.29
CA THR B 5 26.56 8.48 14.67
C THR B 5 25.96 7.52 13.65
N ILE B 6 24.62 7.52 13.56
CA ILE B 6 23.94 6.59 12.65
C ILE B 6 22.72 7.32 12.09
N PHE B 7 22.40 7.08 10.83
CA PHE B 7 21.06 7.33 10.32
C PHE B 7 20.31 5.98 10.31
N ALA B 8 19.25 5.84 11.11
CA ALA B 8 18.50 4.58 11.09
C ALA B 8 17.03 4.82 11.39
N MET B 9 16.19 4.35 10.46
CA MET B 9 14.73 4.32 10.66
C MET B 9 14.18 2.97 10.25
N HIS B 10 12.98 2.66 10.74
CA HIS B 10 12.33 1.42 10.32
C HIS B 10 10.87 1.49 10.75
N LEU B 11 9.95 1.23 9.83
CA LEU B 11 8.50 1.35 10.16
C LEU B 11 8.16 2.73 10.72
N GLY B 12 8.76 3.75 10.16
CA GLY B 12 8.49 5.12 10.51
C GLY B 12 9.04 5.59 11.84
N LYS B 13 9.95 4.81 12.46
CA LYS B 13 10.50 5.14 13.78
C LYS B 13 12.03 5.23 13.72
N ALA B 14 12.58 6.33 14.20
CA ALA B 14 14.02 6.39 14.31
C ALA B 14 14.50 5.48 15.44
N LEU B 15 15.56 4.72 15.19
CA LEU B 15 16.15 3.86 16.20
C LEU B 15 16.45 4.64 17.45
N ASP B 16 15.96 4.14 18.59
CA ASP B 16 16.23 4.74 19.89
C ASP B 16 17.28 3.88 20.59
N PRO B 17 18.53 4.35 20.74
CA PRO B 17 19.57 3.49 21.32
C PRO B 17 19.32 3.15 22.77
N ASN B 18 18.37 3.83 23.44
CA ASN B 18 18.02 3.47 24.82
C ASN B 18 17.10 2.27 24.94
N LEU B 19 16.65 1.68 23.84
CA LEU B 19 15.92 0.43 23.92
C LEU B 19 16.80 -0.72 24.47
N PRO B 20 16.21 -1.66 25.23
CA PRO B 20 17.02 -2.74 25.83
C PRO B 20 17.99 -3.42 24.87
N VAL B 21 17.58 -3.73 23.65
CA VAL B 21 18.46 -4.46 22.74
C VAL B 21 19.72 -3.64 22.44
N PHE B 22 19.58 -2.34 22.22
CA PHE B 22 20.74 -1.53 21.90
C PHE B 22 21.57 -1.16 23.12
N VAL B 23 20.94 -1.11 24.29
CA VAL B 23 21.72 -1.00 25.54
C VAL B 23 22.60 -2.24 25.75
N LYS B 24 22.04 -3.42 25.50
CA LYS B 24 22.83 -4.62 25.68
C LYS B 24 23.96 -4.69 24.66
N ALA B 25 23.68 -4.31 23.42
CA ALA B 25 24.72 -4.30 22.41
C ALA B 25 25.82 -3.32 22.78
N GLU B 26 25.44 -2.19 23.36
CA GLU B 26 26.45 -1.23 23.83
C GLU B 26 27.26 -1.85 24.95
N LYS B 27 26.60 -2.57 25.86
CA LYS B 27 27.38 -3.22 26.91
C LYS B 27 28.35 -4.26 26.37
N ASP B 28 27.98 -4.99 25.31
CA ASP B 28 28.88 -6.03 24.78
C ASP B 28 29.99 -5.47 23.89
N THR B 29 29.74 -4.40 23.14
CA THR B 29 30.68 -3.91 22.13
C THR B 29 31.37 -2.60 22.48
N ASN B 30 30.85 -1.87 23.48
CA ASN B 30 31.26 -0.52 23.82
C ASN B 30 30.98 0.48 22.72
N ILE B 31 30.08 0.18 21.80
CA ILE B 31 29.66 1.16 20.81
C ILE B 31 28.26 1.66 21.20
N LYS B 32 28.16 2.98 21.36
CA LYS B 32 26.90 3.66 21.72
C LYS B 32 26.45 4.46 20.52
N LEU B 33 25.27 4.08 19.97
CA LEU B 33 24.75 4.75 18.79
C LEU B 33 24.10 6.07 19.16
N VAL B 34 24.22 7.05 18.28
CA VAL B 34 23.54 8.37 18.38
C VAL B 34 22.88 8.61 17.03
N ASN B 35 21.56 8.65 16.99
CA ASN B 35 20.87 8.74 15.71
C ASN B 35 20.83 10.19 15.20
N VAL B 36 21.07 10.38 13.88
CA VAL B 36 20.90 11.72 13.33
C VAL B 36 19.46 11.92 12.87
N ALA B 37 18.67 10.84 12.83
CA ALA B 37 17.23 10.96 12.60
C ALA B 37 16.54 11.24 13.92
N SER B 38 15.62 12.21 13.95
CA SER B 38 15.06 12.43 15.27
C SER B 38 13.79 11.61 15.48
N GLN B 39 13.33 11.61 16.74
CA GLN B 39 12.15 10.82 17.08
C GLN B 39 10.90 11.36 16.44
N ASN B 40 10.92 12.62 15.96
CA ASN B 40 9.80 13.27 15.28
C ASN B 40 9.66 12.90 13.80
N GLN B 41 10.64 12.24 13.21
CA GLN B 41 10.60 11.99 11.78
C GLN B 41 9.90 10.66 11.54
N THR B 42 8.97 10.64 10.59
CA THR B 42 8.22 9.43 10.26
C THR B 42 8.43 8.95 8.83
N ASP B 43 9.03 9.76 7.95
CA ASP B 43 9.13 9.50 6.53
C ASP B 43 10.60 9.15 6.26
N GLN B 44 10.89 7.85 6.11
CA GLN B 44 12.28 7.42 5.99
C GLN B 44 12.90 7.90 4.69
N ILE B 45 12.13 7.92 3.61
CA ILE B 45 12.70 8.39 2.35
C ILE B 45 13.08 9.86 2.49
N GLN B 46 12.15 10.66 3.00
CA GLN B 46 12.44 12.08 3.15
CA GLN B 46 12.45 12.09 3.13
C GLN B 46 13.66 12.31 4.04
N ALA B 47 13.68 11.65 5.19
CA ALA B 47 14.74 11.84 6.17
C ALA B 47 16.10 11.39 5.63
N TYR B 48 16.11 10.29 4.87
CA TYR B 48 17.36 9.81 4.26
C TYR B 48 17.88 10.81 3.22
N ASN B 49 17.00 11.35 2.36
CA ASN B 49 17.44 12.32 1.37
C ASN B 49 17.92 13.59 2.03
N LEU B 50 17.28 14.00 3.13
CA LEU B 50 17.74 15.21 3.83
C LEU B 50 19.10 14.97 4.48
N MET B 51 19.27 13.79 5.09
CA MET B 51 20.55 13.45 5.74
C MET B 51 21.71 13.54 4.77
N LEU B 52 21.49 13.15 3.50
CA LEU B 52 22.54 13.16 2.50
C LEU B 52 22.98 14.57 2.14
N THR B 53 22.15 15.57 2.48
CA THR B 53 22.56 16.93 2.16
C THR B 53 23.53 17.51 3.17
N GLU B 54 23.77 16.83 4.28
CA GLU B 54 24.75 17.33 5.25
C GLU B 54 26.15 17.23 4.68
N GLY B 55 27.05 18.08 5.19
CA GLY B 55 28.42 18.07 4.71
C GLY B 55 29.19 16.81 5.11
N LYS B 56 28.93 16.27 6.30
CA LYS B 56 29.49 15.00 6.74
C LYS B 56 28.36 13.99 6.88
N LEU B 57 28.58 12.83 6.47
CA LEU B 57 27.62 11.75 6.67
C LEU B 57 27.80 11.14 8.06
N PRO B 58 26.76 10.55 8.63
CA PRO B 58 26.92 9.81 9.89
C PRO B 58 27.86 8.63 9.68
N ASP B 59 28.37 8.12 10.81
CA ASP B 59 29.35 7.03 10.74
C ASP B 59 28.73 5.80 10.06
N ILE B 60 27.48 5.49 10.40
CA ILE B 60 26.74 4.34 9.86
C ILE B 60 25.50 4.87 9.16
N VAL B 61 25.24 4.35 7.96
CA VAL B 61 24.06 4.72 7.17
C VAL B 61 23.26 3.46 6.93
N SER B 62 22.00 3.46 7.38
CA SER B 62 21.07 2.34 7.23
C SER B 62 19.89 2.84 6.41
N TYR B 63 19.36 1.98 5.54
CA TYR B 63 18.26 2.40 4.67
C TYR B 63 17.54 1.17 4.14
N GLU B 64 16.23 1.33 3.88
CA GLU B 64 15.45 0.20 3.42
C GLU B 64 15.72 -0.17 1.95
N LEU B 65 16.19 0.78 1.14
CA LEU B 65 16.39 0.58 -0.31
C LEU B 65 17.88 0.35 -0.57
N SER B 66 18.26 -0.91 -0.82
CA SER B 66 19.66 -1.25 -0.92
C SER B 66 20.30 -0.67 -2.16
N ALA B 67 19.54 -0.52 -3.24
CA ALA B 67 20.15 0.03 -4.44
C ALA B 67 20.62 1.46 -4.19
N ASP B 68 19.94 2.20 -3.30
CA ASP B 68 20.39 3.57 -2.98
C ASP B 68 21.66 3.56 -2.15
N LEU B 69 21.79 2.61 -1.23
CA LEU B 69 23.05 2.47 -0.51
C LEU B 69 24.19 2.17 -1.47
N GLU B 70 23.97 1.24 -2.40
CA GLU B 70 25.07 0.85 -3.30
C GLU B 70 25.45 1.99 -4.26
N ASN B 71 24.46 2.77 -4.72
CA ASN B 71 24.78 3.95 -5.52
C ASN B 71 25.55 4.99 -4.71
N LEU B 72 25.19 5.16 -3.43
CA LEU B 72 25.98 6.03 -2.56
C LEU B 72 27.42 5.51 -2.45
N GLY B 73 27.57 4.19 -2.38
CA GLY B 73 28.94 3.62 -2.39
C GLY B 73 29.70 3.91 -3.67
N ILE B 74 29.05 3.73 -4.82
CA ILE B 74 29.72 3.99 -6.09
C ILE B 74 30.11 5.47 -6.19
N GLU B 75 29.29 6.35 -5.65
CA GLU B 75 29.61 7.79 -5.59
C GLU B 75 30.64 8.12 -4.51
N GLY B 76 31.05 7.16 -3.70
CA GLY B 76 32.05 7.38 -2.68
C GLY B 76 31.56 7.81 -1.32
N GLY B 77 30.24 7.86 -1.12
CA GLY B 77 29.72 8.22 0.19
C GLY B 77 29.83 7.09 1.19
N LEU B 78 29.67 5.83 0.73
CA LEU B 78 29.96 4.67 1.56
C LEU B 78 31.28 4.03 1.13
N ILE B 79 31.93 3.35 2.06
CA ILE B 79 33.23 2.74 1.77
C ILE B 79 33.04 1.25 1.43
N PRO B 80 33.90 0.69 0.57
CA PRO B 80 33.91 -0.77 0.36
C PRO B 80 34.19 -1.46 1.69
N LEU B 81 33.51 -2.58 1.90
CA LEU B 81 33.63 -3.33 3.13
C LEU B 81 34.36 -4.66 3.01
N GLU B 82 34.65 -5.15 1.80
CA GLU B 82 35.10 -6.54 1.67
C GLU B 82 36.42 -6.76 2.40
N ASP B 83 37.33 -5.78 2.36
CA ASP B 83 38.63 -5.99 3.01
C ASP B 83 38.50 -5.87 4.52
N LEU B 84 37.68 -4.92 5.00
CA LEU B 84 37.36 -4.84 6.43
C LEU B 84 36.78 -6.15 6.94
N ILE B 85 35.88 -6.76 6.17
CA ILE B 85 35.28 -8.02 6.62
C ILE B 85 36.35 -9.10 6.63
N ASN B 86 37.01 -9.29 5.50
CA ASN B 86 38.04 -10.34 5.44
C ASN B 86 39.10 -10.20 6.52
N GLN B 87 39.42 -8.95 6.93
CA GLN B 87 40.51 -8.72 7.90
C GLN B 87 40.07 -8.58 9.35
N HIS B 88 38.78 -8.31 9.62
CA HIS B 88 38.38 -7.89 10.95
C HIS B 88 37.01 -8.39 11.40
N ALA B 89 36.29 -9.17 10.58
CA ALA B 89 34.89 -9.51 10.87
C ALA B 89 34.70 -11.00 10.63
N PRO B 90 35.19 -11.84 11.54
CA PRO B 90 35.17 -13.29 11.26
C PRO B 90 33.78 -13.89 11.19
N ASN B 91 32.79 -13.34 11.92
CA ASN B 91 31.45 -13.94 11.86
C ASN B 91 30.84 -13.72 10.49
N LEU B 92 30.96 -12.48 9.97
CA LEU B 92 30.48 -12.20 8.63
C LEU B 92 31.30 -12.93 7.59
N LYS B 93 32.62 -13.00 7.80
CA LYS B 93 33.45 -13.72 6.85
C LYS B 93 33.00 -15.17 6.73
N LYS B 94 32.69 -15.79 7.85
CA LYS B 94 32.26 -17.20 7.81
C LYS B 94 30.85 -17.31 7.24
N PHE B 95 30.00 -16.36 7.60
CA PHE B 95 28.64 -16.33 7.07
C PHE B 95 28.66 -16.27 5.55
N PHE B 96 29.53 -15.43 4.97
CA PHE B 96 29.56 -15.33 3.51
C PHE B 96 30.16 -16.59 2.88
N GLU B 97 31.16 -17.21 3.55
CA GLU B 97 31.72 -18.46 3.05
C GLU B 97 30.70 -19.60 3.05
N GLU B 98 29.91 -19.70 4.11
CA GLU B 98 28.91 -20.75 4.20
C GLU B 98 27.65 -20.49 3.38
N ASN B 99 27.38 -19.23 2.99
CA ASN B 99 26.16 -18.89 2.27
C ASN B 99 26.48 -18.07 1.03
N PRO B 100 26.98 -18.68 -0.04
CA PRO B 100 27.31 -17.87 -1.22
C PRO B 100 26.11 -17.14 -1.84
N ARG B 101 24.90 -17.68 -1.68
CA ARG B 101 23.70 -16.95 -2.12
C ARG B 101 23.54 -15.63 -1.37
N TYR B 102 23.81 -15.63 -0.07
CA TYR B 102 23.70 -14.39 0.70
C TYR B 102 24.85 -13.45 0.35
N LYS B 103 26.03 -14.01 0.04
CA LYS B 103 27.12 -13.15 -0.38
C LYS B 103 26.74 -12.37 -1.62
N LYS B 104 26.02 -13.01 -2.56
CA LYS B 104 25.55 -12.30 -3.75
C LYS B 104 24.79 -11.03 -3.40
N ASP B 105 23.86 -11.13 -2.46
CA ASP B 105 23.10 -9.94 -2.09
C ASP B 105 23.97 -8.80 -1.61
N ALA B 106 25.18 -9.09 -1.12
CA ALA B 106 25.99 -8.02 -0.53
C ALA B 106 26.99 -7.42 -1.51
N VAL B 107 27.20 -8.03 -2.67
CA VAL B 107 28.18 -7.53 -3.63
C VAL B 107 27.47 -6.62 -4.62
N ALA B 108 27.89 -5.35 -4.70
CA ALA B 108 27.29 -4.40 -5.62
C ALA B 108 27.81 -4.60 -7.05
N VAL B 109 27.23 -3.84 -7.97
CA VAL B 109 27.41 -4.10 -9.38
C VAL B 109 28.86 -3.93 -9.79
N ASP B 110 29.62 -3.12 -9.06
CA ASP B 110 31.02 -2.86 -9.35
C ASP B 110 31.96 -3.82 -8.62
N GLY B 111 31.41 -4.82 -7.93
CA GLY B 111 32.22 -5.83 -7.27
C GLY B 111 32.62 -5.54 -5.85
N HIS B 112 32.32 -4.35 -5.34
CA HIS B 112 32.57 -3.99 -3.96
C HIS B 112 31.35 -4.31 -3.09
N ILE B 113 31.58 -4.55 -1.81
CA ILE B 113 30.48 -4.61 -0.83
C ILE B 113 30.33 -3.24 -0.18
N TYR B 114 29.15 -2.62 -0.35
CA TYR B 114 28.88 -1.34 0.28
C TYR B 114 27.91 -1.42 1.45
N MET B 115 27.22 -2.54 1.63
N MET B 115 27.26 -2.56 1.65
CA MET B 115 26.28 -2.64 2.73
CA MET B 115 26.28 -2.65 2.72
C MET B 115 26.15 -4.11 3.09
C MET B 115 26.09 -4.12 3.08
N ILE B 116 25.87 -4.36 4.36
CA ILE B 116 25.44 -5.69 4.84
C ILE B 116 23.92 -5.69 4.83
N PRO B 117 23.28 -6.58 4.07
CA PRO B 117 21.81 -6.64 4.07
C PRO B 117 21.24 -7.09 5.41
N ASN B 118 19.97 -6.78 5.63
CA ASN B 118 19.22 -7.35 6.76
C ASN B 118 18.56 -8.62 6.24
N TYR B 119 19.14 -9.76 6.58
CA TYR B 119 18.77 -11.03 5.93
C TYR B 119 17.61 -11.72 6.64
N TYR B 120 16.72 -12.30 5.84
CA TYR B 120 15.83 -13.35 6.33
C TYR B 120 16.58 -14.67 6.47
N ASP B 121 16.05 -15.56 7.33
CA ASP B 121 16.64 -16.90 7.49
C ASP B 121 16.00 -17.81 6.42
N TYR B 122 16.30 -17.47 5.16
CA TYR B 122 15.57 -18.04 4.03
C TYR B 122 15.76 -19.56 3.92
N PHE B 123 16.98 -20.04 4.17
CA PHE B 123 17.19 -21.46 3.95
C PHE B 123 16.60 -22.31 5.06
N ASN B 124 16.20 -21.73 6.17
CA ASN B 124 15.43 -22.53 7.10
C ASN B 124 13.91 -22.37 6.92
N ILE B 125 13.40 -21.20 6.51
CA ILE B 125 12.00 -21.06 6.07
C ILE B 125 11.97 -20.31 4.76
N LYS B 126 11.76 -21.04 3.66
CA LYS B 126 11.66 -20.49 2.30
C LYS B 126 10.22 -20.16 1.91
N VAL B 127 9.26 -20.48 2.76
CA VAL B 127 7.90 -20.77 2.34
C VAL B 127 7.06 -19.51 2.46
N SER B 128 6.34 -19.16 1.39
CA SER B 128 5.39 -18.03 1.46
C SER B 128 3.98 -18.51 1.18
N GLN B 129 3.59 -18.59 -0.09
CA GLN B 129 2.27 -19.11 -0.40
C GLN B 129 2.26 -20.62 -0.60
N GLY B 130 1.06 -21.21 -0.40
CA GLY B 130 0.84 -22.62 -0.64
C GLY B 130 -0.55 -22.89 -1.18
N TYR B 131 -0.77 -24.15 -1.59
CA TYR B 131 -2.04 -24.57 -2.19
C TYR B 131 -2.95 -25.15 -1.11
N PHE B 132 -4.19 -24.68 -1.07
CA PHE B 132 -5.16 -25.15 -0.07
C PHE B 132 -6.39 -25.71 -0.76
N ILE B 133 -6.99 -26.76 -0.16
CA ILE B 133 -8.23 -27.30 -0.73
C ILE B 133 -9.16 -27.72 0.41
N ARG B 134 -10.46 -27.67 0.11
CA ARG B 134 -11.45 -28.06 1.12
C ARG B 134 -11.46 -29.58 1.30
N GLN B 135 -10.71 -30.02 2.29
CA GLN B 135 -10.63 -31.43 2.64
C GLN B 135 -11.99 -31.96 3.11
N ASP B 136 -12.74 -31.13 3.81
CA ASP B 136 -14.10 -31.56 4.16
C ASP B 136 -14.98 -31.78 2.93
N TRP B 137 -14.73 -31.03 1.85
CA TRP B 137 -15.49 -31.23 0.62
C TRP B 137 -14.99 -32.44 -0.12
N LEU B 138 -13.68 -32.67 -0.13
CA LEU B 138 -13.19 -33.97 -0.61
C LEU B 138 -13.84 -35.13 0.13
N GLU B 139 -13.95 -35.04 1.46
CA GLU B 139 -14.45 -36.18 2.23
C GLU B 139 -15.94 -36.38 1.96
N LYS B 140 -16.67 -35.27 1.77
CA LYS B 140 -18.10 -35.36 1.46
C LYS B 140 -18.31 -36.04 0.12
N LEU B 141 -17.48 -35.68 -0.84
CA LEU B 141 -17.60 -36.24 -2.18
C LEU B 141 -16.84 -37.55 -2.37
N GLY B 142 -16.13 -38.03 -1.36
CA GLY B 142 -15.46 -39.31 -1.48
C GLY B 142 -14.28 -39.28 -2.41
N LEU B 143 -13.65 -38.12 -2.59
CA LEU B 143 -12.62 -37.91 -3.59
C LEU B 143 -11.25 -37.98 -2.95
N LYS B 144 -10.28 -38.48 -3.72
CA LYS B 144 -8.89 -38.44 -3.26
C LYS B 144 -8.34 -37.04 -3.41
N GLU B 145 -7.37 -36.72 -2.58
CA GLU B 145 -6.70 -35.42 -2.76
C GLU B 145 -6.09 -35.32 -4.15
N PRO B 146 -6.41 -34.31 -4.96
CA PRO B 146 -5.81 -34.23 -6.29
C PRO B 146 -4.31 -34.00 -6.19
N ARG B 147 -3.54 -34.70 -7.04
CA ARG B 147 -2.10 -34.55 -7.01
C ARG B 147 -1.50 -33.99 -8.29
N THR B 148 -2.27 -33.88 -9.35
CA THR B 148 -1.87 -33.32 -10.62
C THR B 148 -2.87 -32.27 -11.05
N VAL B 149 -2.46 -31.44 -12.03
CA VAL B 149 -3.37 -30.42 -12.53
C VAL B 149 -4.64 -31.04 -13.09
N ASP B 150 -4.52 -32.19 -13.76
CA ASP B 150 -5.70 -32.84 -14.33
C ASP B 150 -6.63 -33.33 -13.23
N GLU B 151 -6.06 -33.89 -12.18
CA GLU B 151 -6.88 -34.30 -11.04
C GLU B 151 -7.50 -33.09 -10.37
N LEU B 152 -6.78 -31.97 -10.33
CA LEU B 152 -7.38 -30.77 -9.76
C LEU B 152 -8.59 -30.30 -10.57
N TYR B 153 -8.47 -30.33 -11.90
CA TYR B 153 -9.59 -29.93 -12.73
C TYR B 153 -10.83 -30.78 -12.44
N THR B 154 -10.66 -32.11 -12.44
CA THR B 154 -11.79 -32.99 -12.11
C THR B 154 -12.39 -32.62 -10.76
N THR B 155 -11.51 -32.40 -9.76
CA THR B 155 -11.96 -32.08 -8.41
C THR B 155 -12.75 -30.77 -8.38
N LEU B 156 -12.26 -29.73 -9.10
CA LEU B 156 -12.96 -28.45 -9.09
C LEU B 156 -14.32 -28.60 -9.77
N LYS B 157 -14.38 -29.39 -10.86
CA LYS B 157 -15.66 -29.65 -11.51
C LYS B 157 -16.63 -30.35 -10.57
N ALA B 158 -16.11 -31.23 -9.72
CA ALA B 158 -17.00 -31.87 -8.77
C ALA B 158 -17.50 -30.85 -7.75
N PHE B 159 -16.57 -30.01 -7.25
CA PHE B 159 -17.00 -28.92 -6.37
C PHE B 159 -18.10 -28.09 -6.99
N ARG B 160 -17.95 -27.73 -8.28
CA ARG B 160 -18.93 -26.84 -8.90
C ARG B 160 -20.27 -27.52 -9.08
N GLU B 161 -20.28 -28.85 -9.31
CA GLU B 161 -21.48 -29.52 -9.79
C GLU B 161 -22.21 -30.36 -8.74
N LYS B 162 -21.55 -30.79 -7.67
CA LYS B 162 -22.11 -31.81 -6.78
C LYS B 162 -22.47 -31.27 -5.40
N ASP B 163 -22.64 -29.97 -5.28
CA ASP B 163 -23.07 -29.23 -4.08
C ASP B 163 -22.47 -29.80 -2.80
N PRO B 164 -21.16 -29.63 -2.58
CA PRO B 164 -20.50 -30.34 -1.47
C PRO B 164 -20.86 -29.84 -0.08
N ASN B 165 -21.33 -28.61 0.04
CA ASN B 165 -21.70 -28.03 1.32
C ASN B 165 -23.09 -28.46 1.76
N GLY B 166 -23.85 -29.11 0.87
CA GLY B 166 -25.08 -29.80 1.19
C GLY B 166 -26.32 -28.93 1.24
N ASN B 167 -26.28 -27.74 0.61
CA ASN B 167 -27.28 -26.69 0.83
C ASN B 167 -28.39 -26.64 -0.22
N GLY B 168 -28.07 -26.70 -1.51
CA GLY B 168 -29.12 -26.75 -2.52
C GLY B 168 -28.89 -26.14 -3.88
N LYS B 169 -28.07 -25.08 -3.97
CA LYS B 169 -27.88 -24.34 -5.22
C LYS B 169 -26.48 -24.58 -5.78
N LYS B 170 -26.29 -24.23 -7.04
CA LYS B 170 -24.98 -24.25 -7.70
C LYS B 170 -24.35 -22.87 -7.50
N ASP B 171 -23.74 -22.68 -6.32
CA ASP B 171 -23.06 -21.45 -5.92
C ASP B 171 -21.60 -21.67 -5.48
N GLU B 172 -21.12 -22.90 -5.51
CA GLU B 172 -19.73 -23.16 -5.13
C GLU B 172 -18.78 -22.40 -6.04
N VAL B 173 -17.71 -21.89 -5.45
CA VAL B 173 -16.69 -21.18 -6.18
C VAL B 173 -15.44 -22.03 -6.02
N PRO B 174 -15.15 -22.94 -6.95
CA PRO B 174 -14.13 -23.96 -6.68
C PRO B 174 -12.75 -23.37 -6.39
N PHE B 175 -12.29 -22.39 -7.17
CA PHE B 175 -10.93 -21.87 -6.99
C PHE B 175 -10.99 -20.37 -6.97
N PHE B 176 -10.32 -19.75 -5.99
CA PHE B 176 -10.29 -18.31 -5.84
C PHE B 176 -8.90 -17.86 -5.44
N VAL B 177 -8.66 -16.56 -5.52
CA VAL B 177 -7.39 -15.98 -5.07
C VAL B 177 -7.70 -14.73 -4.25
N ARG B 178 -6.63 -14.16 -3.68
CA ARG B 178 -6.71 -12.92 -2.88
C ARG B 178 -5.66 -11.95 -3.40
N ALA B 179 -6.10 -10.82 -3.93
CA ALA B 179 -5.23 -9.96 -4.70
C ALA B 179 -5.88 -8.59 -4.79
N ASN B 180 -5.05 -7.57 -5.00
CA ASN B 180 -5.63 -6.25 -5.24
C ASN B 180 -4.98 -5.55 -6.43
N ASN B 181 -4.32 -6.31 -7.31
CA ASN B 181 -3.92 -5.80 -8.61
C ASN B 181 -3.79 -7.00 -9.54
N VAL B 182 -3.61 -6.71 -10.84
CA VAL B 182 -3.62 -7.75 -11.84
C VAL B 182 -2.41 -8.66 -11.67
N ARG B 183 -1.24 -8.10 -11.33
CA ARG B 183 -0.06 -8.95 -11.12
C ARG B 183 -0.34 -9.99 -10.04
N LYS B 184 -1.05 -9.59 -8.98
CA LYS B 184 -1.29 -10.51 -7.87
C LYS B 184 -2.32 -11.58 -8.22
N VAL B 185 -3.32 -11.26 -9.05
CA VAL B 185 -4.21 -12.30 -9.53
C VAL B 185 -3.41 -13.33 -10.33
N LEU B 186 -2.65 -12.82 -11.30
CA LEU B 186 -1.90 -13.72 -12.15
C LEU B 186 -0.93 -14.57 -11.35
N THR B 187 -0.29 -13.97 -10.33
CA THR B 187 0.69 -14.68 -9.51
C THR B 187 0.08 -15.95 -8.92
N SER B 188 -1.17 -15.85 -8.43
CA SER B 188 -1.79 -16.95 -7.73
C SER B 188 -2.64 -17.83 -8.63
N LEU B 189 -2.67 -17.54 -9.94
CA LEU B 189 -3.32 -18.40 -10.93
C LEU B 189 -2.34 -19.20 -11.80
N VAL B 190 -1.23 -18.57 -12.21
CA VAL B 190 -0.39 -19.20 -13.24
C VAL B 190 0.69 -20.11 -12.66
N ASP B 191 1.00 -19.98 -11.36
CA ASP B 191 1.93 -20.92 -10.75
C ASP B 191 1.38 -22.35 -10.78
N LEU B 192 0.04 -22.54 -10.67
CA LEU B 192 -0.60 -23.85 -10.82
C LEU B 192 -0.06 -24.57 -12.02
N PHE B 193 0.13 -23.82 -13.10
CA PHE B 193 0.54 -24.35 -14.39
C PHE B 193 2.02 -24.18 -14.63
N LYS B 194 2.79 -23.99 -13.56
CA LYS B 194 4.26 -23.93 -13.62
C LYS B 194 4.74 -22.81 -14.53
N ALA B 195 3.95 -21.76 -14.63
CA ALA B 195 4.28 -20.55 -15.36
C ALA B 195 4.66 -19.49 -14.35
N SER B 196 5.15 -18.35 -14.86
CA SER B 196 5.51 -17.19 -14.03
C SER B 196 5.05 -15.90 -14.69
N PRO B 197 4.52 -14.93 -13.93
CA PRO B 197 4.23 -13.60 -14.50
C PRO B 197 5.42 -12.65 -14.46
N ILE B 198 6.60 -13.06 -13.97
CA ILE B 198 7.72 -12.13 -13.79
C ILE B 198 9.00 -12.77 -14.38
N TRP B 199 10.15 -12.20 -14.04
CA TRP B 199 11.40 -12.79 -14.49
C TRP B 199 11.78 -13.93 -13.57
N TYR B 200 12.50 -14.93 -14.13
CA TYR B 200 12.82 -16.13 -13.36
C TYR B 200 14.09 -16.72 -13.94
N GLU B 201 14.70 -17.62 -13.18
CA GLU B 201 15.93 -18.29 -13.59
C GLU B 201 15.65 -19.65 -14.21
N GLU B 202 16.32 -19.96 -15.31
CA GLU B 202 16.24 -21.30 -15.92
C GLU B 202 17.62 -21.68 -16.44
N ASN B 203 18.16 -22.82 -15.99
CA ASN B 203 19.48 -23.26 -16.50
C ASN B 203 20.54 -22.17 -16.39
N GLY B 204 20.54 -21.41 -15.30
CA GLY B 204 21.51 -20.36 -15.10
C GLY B 204 21.26 -19.06 -15.86
N MET B 205 20.16 -18.96 -16.61
CA MET B 205 19.89 -17.78 -17.40
C MET B 205 18.63 -17.12 -16.85
N VAL B 206 18.44 -15.84 -17.17
CA VAL B 206 17.24 -15.13 -16.71
C VAL B 206 16.26 -15.03 -17.86
N LYS B 207 14.98 -15.38 -17.59
CA LYS B 207 13.99 -15.35 -18.66
C LYS B 207 12.74 -14.64 -18.18
N TYR B 208 11.93 -14.21 -19.14
CA TYR B 208 10.71 -13.46 -18.83
C TYR B 208 9.52 -14.42 -18.87
N GLY B 209 8.94 -14.66 -17.70
CA GLY B 209 7.76 -15.52 -17.58
C GLY B 209 6.68 -15.39 -18.64
N PRO B 210 6.13 -14.17 -18.81
CA PRO B 210 5.00 -13.96 -19.74
C PRO B 210 5.30 -14.25 -21.21
N ALA B 211 6.57 -14.44 -21.59
CA ALA B 211 6.93 -14.81 -22.97
C ALA B 211 7.08 -16.32 -23.19
N GLN B 212 6.89 -17.13 -22.16
CA GLN B 212 7.14 -18.57 -22.27
C GLN B 212 5.92 -19.36 -22.74
N LYS B 213 6.21 -20.57 -23.30
CA LYS B 213 5.14 -21.48 -23.68
C LYS B 213 4.33 -21.90 -22.47
N GLU B 214 4.94 -22.00 -21.28
CA GLU B 214 4.15 -22.39 -20.12
C GLU B 214 3.11 -21.33 -19.76
N PHE B 215 3.42 -20.07 -20.04
CA PHE B 215 2.47 -19.00 -19.77
C PHE B 215 1.29 -19.03 -20.76
N LYS B 216 1.59 -19.20 -22.05
CA LYS B 216 0.53 -19.43 -23.03
C LYS B 216 -0.37 -20.59 -22.63
N HIS B 217 0.21 -21.72 -22.21
CA HIS B 217 -0.62 -22.86 -21.82
C HIS B 217 -1.42 -22.54 -20.57
N ALA B 218 -0.79 -21.86 -19.60
CA ALA B 218 -1.49 -21.48 -18.38
C ALA B 218 -2.70 -20.63 -18.69
N ILE B 219 -2.53 -19.63 -19.54
CA ILE B 219 -3.64 -18.73 -19.82
C ILE B 219 -4.74 -19.47 -20.56
N LYS B 220 -4.37 -20.33 -21.50
CA LYS B 220 -5.37 -21.10 -22.22
C LYS B 220 -6.21 -21.97 -21.28
N GLU B 221 -5.54 -22.70 -20.37
CA GLU B 221 -6.22 -23.54 -19.41
C GLU B 221 -7.08 -22.71 -18.48
N LEU B 222 -6.52 -21.59 -17.98
CA LEU B 222 -7.29 -20.74 -17.07
C LEU B 222 -8.53 -20.20 -17.77
N SER B 223 -8.38 -19.82 -19.04
CA SER B 223 -9.53 -19.32 -19.78
C SER B 223 -10.64 -20.35 -19.85
N LYS B 224 -10.27 -21.62 -20.04
CA LYS B 224 -11.22 -22.70 -20.06
C LYS B 224 -11.82 -22.97 -18.68
N TRP B 225 -11.01 -22.96 -17.63
CA TRP B 225 -11.58 -23.18 -16.30
C TRP B 225 -12.49 -22.03 -15.92
N TYR B 226 -12.13 -20.80 -16.32
CA TYR B 226 -13.01 -19.67 -16.06
C TYR B 226 -14.36 -19.85 -16.75
N LYS B 227 -14.36 -20.20 -18.04
CA LYS B 227 -15.64 -20.41 -18.73
C LYS B 227 -16.48 -21.48 -18.08
N GLU B 228 -15.83 -22.51 -17.54
CA GLU B 228 -16.55 -23.62 -16.97
C GLU B 228 -16.96 -23.34 -15.55
N GLY B 229 -16.73 -22.13 -15.08
CA GLY B 229 -17.16 -21.74 -13.75
C GLY B 229 -16.32 -22.33 -12.65
N LEU B 230 -15.10 -22.81 -12.97
CA LEU B 230 -14.28 -23.45 -11.96
C LEU B 230 -13.46 -22.44 -11.17
N ILE B 231 -13.19 -21.31 -11.79
CA ILE B 231 -12.46 -20.18 -11.22
C ILE B 231 -13.48 -19.08 -10.99
N ASP B 232 -13.46 -18.52 -9.78
CA ASP B 232 -14.26 -17.35 -9.37
C ASP B 232 -14.55 -16.42 -10.54
N GLU B 233 -15.83 -16.35 -10.91
CA GLU B 233 -16.26 -15.41 -11.93
C GLU B 233 -15.75 -14.00 -11.64
N GLU B 234 -15.61 -13.62 -10.36
CA GLU B 234 -15.23 -12.25 -10.02
C GLU B 234 -13.75 -12.14 -9.64
N ILE B 235 -12.91 -13.02 -10.16
CA ILE B 235 -11.53 -13.06 -9.72
C ILE B 235 -10.81 -11.74 -9.95
N PHE B 236 -11.16 -11.01 -11.02
CA PHE B 236 -10.52 -9.73 -11.25
C PHE B 236 -11.25 -8.55 -10.61
N THR B 237 -12.48 -8.72 -10.15
CA THR B 237 -13.22 -7.60 -9.53
C THR B 237 -13.16 -7.61 -7.99
N ARG B 238 -13.00 -8.76 -7.35
CA ARG B 238 -12.90 -8.73 -5.90
C ARG B 238 -11.59 -8.07 -5.47
N GLY B 239 -11.54 -7.65 -4.24
CA GLY B 239 -10.22 -7.24 -3.79
C GLY B 239 -9.71 -8.12 -2.69
N LEU B 240 -9.08 -7.51 -1.69
CA LEU B 240 -8.50 -8.27 -0.58
C LEU B 240 -9.51 -8.97 0.30
N GLU B 241 -10.82 -8.69 0.16
CA GLU B 241 -11.81 -9.41 0.97
C GLU B 241 -12.22 -10.74 0.31
N SER B 242 -11.64 -11.13 -0.84
CA SER B 242 -12.10 -12.35 -1.51
C SER B 242 -12.06 -13.59 -0.61
N ARG B 243 -10.90 -13.88 -0.01
CA ARG B 243 -10.79 -15.09 0.80
C ARG B 243 -11.81 -15.08 1.94
N ASP B 244 -11.89 -13.97 2.65
CA ASP B 244 -12.80 -13.90 3.79
C ASP B 244 -14.26 -14.06 3.39
N TYR B 245 -14.66 -13.38 2.30
CA TYR B 245 -16.03 -13.50 1.80
C TYR B 245 -16.32 -14.94 1.37
N LEU B 246 -15.44 -15.52 0.54
CA LEU B 246 -15.78 -16.82 -0.02
C LEU B 246 -15.70 -17.92 1.03
N LEU B 247 -14.73 -17.83 1.97
CA LEU B 247 -14.61 -18.90 2.97
C LEU B 247 -15.69 -18.78 4.04
N SER B 248 -15.94 -17.56 4.55
CA SER B 248 -16.87 -17.43 5.67
C SER B 248 -18.29 -17.78 5.24
N ASN B 249 -18.60 -17.64 3.96
CA ASN B 249 -19.94 -17.92 3.41
C ASN B 249 -20.01 -19.34 2.84
N ASN B 250 -18.93 -20.10 3.01
CA ASN B 250 -18.84 -21.51 2.64
C ASN B 250 -19.03 -21.72 1.14
N LEU B 251 -18.44 -20.83 0.37
CA LEU B 251 -18.51 -20.90 -1.09
C LEU B 251 -17.20 -21.39 -1.71
N GLY B 252 -16.08 -20.97 -1.15
CA GLY B 252 -14.78 -21.25 -1.78
C GLY B 252 -14.24 -22.66 -1.53
N GLY B 253 -13.61 -23.23 -2.57
CA GLY B 253 -13.15 -24.61 -2.46
C GLY B 253 -11.64 -24.81 -2.43
N ALA B 254 -10.88 -23.80 -2.88
CA ALA B 254 -9.45 -24.07 -3.18
C ALA B 254 -8.79 -22.74 -3.45
N THR B 255 -7.54 -22.59 -3.01
CA THR B 255 -6.86 -21.34 -3.31
C THR B 255 -5.36 -21.58 -3.31
N ASP B 256 -4.63 -20.50 -3.56
CA ASP B 256 -3.16 -20.46 -3.55
C ASP B 256 -2.87 -19.15 -2.82
N ASP B 257 -2.41 -19.23 -1.56
CA ASP B 257 -2.33 -18.01 -0.74
C ASP B 257 -1.34 -18.26 0.38
N TRP B 258 -1.01 -17.19 1.07
CA TRP B 258 0.01 -17.26 2.14
C TRP B 258 -0.33 -18.34 3.17
N ILE B 259 0.68 -19.14 3.55
CA ILE B 259 0.38 -20.32 4.38
C ILE B 259 -0.08 -19.91 5.79
N ALA B 260 0.55 -18.91 6.44
CA ALA B 260 0.21 -18.68 7.85
C ALA B 260 -1.20 -18.12 8.02
N SER B 261 -1.56 -17.11 7.23
CA SER B 261 -2.91 -16.57 7.38
C SER B 261 -3.98 -17.51 6.85
N THR B 262 -3.73 -18.18 5.74
CA THR B 262 -4.75 -19.06 5.18
C THR B 262 -4.99 -20.26 6.09
N SER B 263 -3.94 -20.72 6.80
CA SER B 263 -4.11 -21.86 7.69
C SER B 263 -4.91 -21.47 8.94
N SER B 264 -5.14 -20.16 9.19
CA SER B 264 -5.89 -19.79 10.38
C SER B 264 -7.40 -20.00 10.26
N TYR B 265 -7.90 -20.30 9.06
CA TYR B 265 -9.35 -20.29 8.89
C TYR B 265 -9.97 -21.50 9.54
N ASN B 266 -9.25 -22.61 9.63
CA ASN B 266 -9.85 -23.78 10.30
C ASN B 266 -10.28 -23.43 11.71
N ARG B 267 -9.38 -22.82 12.48
CA ARG B 267 -9.67 -22.46 13.85
C ARG B 267 -10.76 -21.41 13.94
N ASN B 268 -10.68 -20.37 13.11
CA ASN B 268 -11.63 -19.26 13.20
C ASN B 268 -13.04 -19.63 12.73
N LEU B 269 -13.18 -20.58 11.80
CA LEU B 269 -14.48 -20.93 11.25
C LEU B 269 -15.07 -22.18 11.89
N ALA B 270 -14.40 -22.74 12.89
CA ALA B 270 -14.79 -24.07 13.40
C ALA B 270 -16.20 -24.09 13.96
N ASP B 271 -16.61 -23.02 14.66
CA ASP B 271 -17.97 -22.96 15.21
C ASP B 271 -18.95 -22.23 14.30
N LYS B 272 -18.52 -21.88 13.09
CA LYS B 272 -19.37 -21.23 12.11
C LYS B 272 -19.75 -22.12 10.97
N ILE B 273 -18.84 -22.97 10.50
CA ILE B 273 -19.09 -23.92 9.42
C ILE B 273 -18.65 -25.25 9.99
N PRO B 274 -19.54 -26.08 10.52
CA PRO B 274 -19.06 -27.26 11.22
C PRO B 274 -18.19 -28.15 10.33
N GLY B 275 -17.06 -28.57 10.88
CA GLY B 275 -16.17 -29.44 10.12
C GLY B 275 -15.35 -28.77 9.05
N PHE B 276 -15.42 -27.44 8.93
CA PHE B 276 -14.61 -26.73 7.95
C PHE B 276 -13.16 -27.20 8.06
N ASN B 277 -12.58 -27.59 6.91
CA ASN B 277 -11.20 -28.06 6.85
C ASN B 277 -10.57 -27.60 5.52
N LEU B 278 -9.98 -26.39 5.55
CA LEU B 278 -9.21 -25.90 4.42
C LEU B 278 -7.75 -26.29 4.64
N LYS B 279 -7.29 -27.27 3.89
CA LYS B 279 -6.06 -28.02 4.17
C LYS B 279 -4.93 -27.68 3.19
N LEU B 280 -3.72 -27.50 3.71
CA LEU B 280 -2.54 -27.29 2.86
C LEU B 280 -2.16 -28.58 2.15
N VAL B 281 -1.96 -28.52 0.82
CA VAL B 281 -1.48 -29.65 0.01
C VAL B 281 -0.21 -29.19 -0.70
N LEU B 282 0.61 -30.18 -1.09
CA LEU B 282 1.78 -29.88 -1.90
C LEU B 282 1.34 -29.39 -3.28
N PRO B 283 2.20 -28.62 -3.97
CA PRO B 283 1.88 -28.16 -5.31
C PRO B 283 1.46 -29.30 -6.22
N TYR B 284 0.49 -29.03 -7.07
CA TYR B 284 0.01 -30.06 -7.99
C TYR B 284 1.04 -30.31 -9.08
N GLU B 285 1.14 -31.57 -9.53
CA GLU B 285 2.15 -31.86 -10.55
C GLU B 285 1.60 -31.61 -11.96
N LEU B 286 2.48 -31.07 -12.82
CA LEU B 286 2.18 -30.90 -14.24
C LEU B 286 3.38 -31.40 -15.01
N ASN B 287 3.24 -32.48 -15.79
CA ASN B 287 4.31 -32.94 -16.69
C ASN B 287 5.63 -33.14 -15.95
N GLY B 288 5.55 -33.82 -14.81
CA GLY B 288 6.74 -34.16 -14.05
C GLY B 288 7.30 -33.08 -13.16
N ASN B 289 6.63 -31.94 -13.01
CA ASN B 289 7.11 -30.82 -12.22
C ASN B 289 6.13 -30.60 -11.07
N ALA B 290 6.58 -30.72 -9.84
CA ALA B 290 5.66 -30.46 -8.74
C ALA B 290 6.23 -29.41 -7.80
N LYS B 291 6.90 -28.42 -8.39
CA LYS B 291 7.47 -27.31 -7.65
C LYS B 291 6.52 -26.11 -7.68
N THR B 292 6.74 -25.20 -6.75
CA THR B 292 6.09 -23.88 -6.79
C THR B 292 7.17 -22.81 -6.85
N ARG B 293 6.89 -21.73 -7.60
CA ARG B 293 7.78 -20.58 -7.57
C ARG B 293 7.44 -19.58 -6.46
N HIS B 294 6.42 -19.83 -5.60
CA HIS B 294 6.19 -18.90 -4.50
C HIS B 294 7.26 -19.12 -3.45
N ALA B 295 8.00 -18.06 -3.13
CA ALA B 295 9.11 -18.19 -2.20
C ALA B 295 9.30 -16.86 -1.50
N ARG B 296 9.75 -16.94 -0.25
CA ARG B 296 10.22 -15.75 0.45
C ARG B 296 11.48 -15.19 -0.24
N THR B 297 11.86 -13.95 0.11
CA THR B 297 13.09 -13.39 -0.42
C THR B 297 14.22 -13.48 0.63
N THR B 298 15.42 -13.07 0.23
CA THR B 298 16.53 -13.31 1.15
C THR B 298 16.89 -12.11 2.01
N TYR B 299 16.53 -10.87 1.64
CA TYR B 299 16.86 -9.73 2.48
C TYR B 299 15.96 -8.53 2.17
N LEU B 300 15.97 -7.57 3.09
CA LEU B 300 15.38 -6.24 2.86
C LEU B 300 16.23 -5.21 3.56
N GLY B 301 16.74 -4.21 2.81
CA GLY B 301 17.43 -3.10 3.45
C GLY B 301 18.84 -3.53 3.83
N GLY B 302 19.56 -2.62 4.46
CA GLY B 302 20.94 -2.94 4.84
C GLY B 302 21.60 -1.71 5.41
N TRP B 303 22.86 -1.88 5.82
CA TRP B 303 23.55 -0.70 6.32
C TRP B 303 25.02 -0.75 5.94
N GLY B 304 25.65 0.43 5.84
CA GLY B 304 27.05 0.54 5.51
C GLY B 304 27.73 1.62 6.34
N ILE B 305 29.02 1.80 6.05
CA ILE B 305 29.90 2.71 6.78
C ILE B 305 30.27 3.87 5.87
N SER B 306 30.10 5.11 6.35
CA SER B 306 30.35 6.24 5.46
C SER B 306 31.84 6.60 5.37
N LYS B 307 32.13 7.40 4.34
CA LYS B 307 33.48 7.93 4.14
C LYS B 307 33.93 8.79 5.31
N ASP B 308 32.99 9.27 6.13
CA ASP B 308 33.34 10.19 7.21
C ASP B 308 33.58 9.49 8.54
N ALA B 309 33.40 8.17 8.60
CA ALA B 309 33.65 7.44 9.83
C ALA B 309 35.15 7.39 10.08
N LYS B 310 35.55 7.72 11.30
CA LYS B 310 36.98 7.83 11.60
C LYS B 310 37.60 6.49 11.95
N ASP B 311 36.80 5.54 12.42
CA ASP B 311 37.29 4.24 12.88
C ASP B 311 36.43 3.14 12.26
N PRO B 312 36.54 2.95 10.94
CA PRO B 312 35.73 1.91 10.30
C PRO B 312 36.04 0.52 10.79
N VAL B 313 37.28 0.27 11.23
CA VAL B 313 37.59 -1.08 11.73
C VAL B 313 36.71 -1.42 12.94
N SER B 314 36.53 -0.48 13.86
CA SER B 314 35.65 -0.77 14.98
C SER B 314 34.20 -0.89 14.54
N LEU B 315 33.79 -0.12 13.54
CA LEU B 315 32.40 -0.27 13.07
C LEU B 315 32.15 -1.62 12.40
N ILE B 316 33.10 -2.14 11.60
CA ILE B 316 32.85 -3.46 11.00
C ILE B 316 32.73 -4.50 12.10
N LYS B 317 33.41 -4.29 13.25
CA LYS B 317 33.25 -5.21 14.36
C LYS B 317 31.87 -5.09 15.00
N TYR B 318 31.31 -3.88 14.99
CA TYR B 318 29.92 -3.72 15.44
C TYR B 318 28.98 -4.47 14.52
N PHE B 319 29.16 -4.31 13.21
CA PHE B 319 28.38 -5.08 12.24
C PHE B 319 28.53 -6.57 12.51
N ASP B 320 29.76 -7.03 12.75
CA ASP B 320 30.03 -8.43 13.00
C ASP B 320 29.36 -8.95 14.26
N TYR B 321 29.16 -8.08 15.25
CA TYR B 321 28.53 -8.53 16.48
C TYR B 321 27.15 -9.14 16.25
N TRP B 322 26.39 -8.64 15.26
CA TRP B 322 25.05 -9.14 15.03
C TRP B 322 25.06 -10.53 14.39
N TYR B 323 26.22 -11.02 13.97
CA TYR B 323 26.38 -12.36 13.42
C TYR B 323 27.05 -13.32 14.39
N SER B 324 27.43 -12.82 15.57
CA SER B 324 27.85 -13.71 16.64
C SER B 324 26.66 -14.45 17.21
N VAL B 325 26.92 -15.54 17.93
CA VAL B 325 25.81 -16.29 18.52
C VAL B 325 24.98 -15.38 19.43
N GLU B 326 25.63 -14.65 20.34
CA GLU B 326 24.83 -13.90 21.30
C GLU B 326 24.18 -12.70 20.64
N GLY B 327 24.87 -12.08 19.69
CA GLY B 327 24.33 -10.85 19.10
C GLY B 327 23.13 -11.14 18.23
N ARG B 328 23.21 -12.21 17.44
CA ARG B 328 22.05 -12.63 16.65
C ARG B 328 20.88 -13.01 17.54
N ARG B 329 21.12 -13.77 18.62
CA ARG B 329 20.02 -14.10 19.52
C ARG B 329 19.43 -12.84 20.13
N LEU B 330 20.29 -11.88 20.50
CA LEU B 330 19.80 -10.63 21.05
C LEU B 330 18.89 -9.94 20.05
N TRP B 331 19.36 -9.80 18.81
CA TRP B 331 18.54 -9.07 17.82
C TRP B 331 17.21 -9.78 17.57
N ASN B 332 17.21 -11.10 17.59
CA ASN B 332 16.03 -11.86 17.23
C ASN B 332 15.03 -12.04 18.38
N PHE B 333 15.53 -12.24 19.61
CA PHE B 333 14.67 -12.66 20.71
C PHE B 333 14.55 -11.64 21.82
N GLY B 334 15.38 -10.59 21.84
CA GLY B 334 15.31 -9.64 22.93
C GLY B 334 16.20 -10.01 24.11
N ILE B 335 15.77 -9.75 25.35
CA ILE B 335 16.62 -9.82 26.55
C ILE B 335 16.29 -11.09 27.32
N GLU B 336 17.33 -11.87 27.66
CA GLU B 336 17.14 -13.08 28.46
C GLU B 336 16.59 -12.72 29.84
N GLY B 337 15.57 -13.44 30.29
CA GLY B 337 14.91 -13.14 31.54
C GLY B 337 13.77 -12.17 31.44
N SER B 338 13.63 -11.47 30.31
CA SER B 338 12.50 -10.58 30.04
C SER B 338 11.64 -11.11 28.91
N GLU B 339 12.20 -11.24 27.71
CA GLU B 339 11.47 -11.71 26.54
C GLU B 339 11.54 -13.23 26.36
N TYR B 340 12.63 -13.85 26.82
CA TYR B 340 12.80 -15.28 26.72
C TYR B 340 13.60 -15.78 27.91
N THR B 341 13.50 -17.09 28.14
CA THR B 341 14.42 -17.81 29.01
C THR B 341 15.03 -18.94 28.20
N LEU B 342 16.18 -19.42 28.64
CA LEU B 342 16.85 -20.53 27.95
C LEU B 342 16.38 -21.84 28.57
N VAL B 343 15.84 -22.72 27.74
CA VAL B 343 15.39 -24.05 28.17
C VAL B 343 16.19 -25.05 27.35
N ASP B 344 17.09 -25.78 28.01
CA ASP B 344 18.01 -26.70 27.32
C ASP B 344 18.91 -25.92 26.35
N GLY B 345 19.30 -24.71 26.76
CA GLY B 345 20.12 -23.90 25.88
C GLY B 345 19.38 -23.28 24.72
N LYS B 346 18.06 -23.41 24.66
CA LYS B 346 17.25 -22.85 23.56
C LYS B 346 16.32 -21.74 24.04
N PRO B 347 16.24 -20.61 23.33
CA PRO B 347 15.34 -19.52 23.78
C PRO B 347 13.89 -19.97 23.68
N VAL B 348 13.13 -19.70 24.74
CA VAL B 348 11.68 -19.90 24.77
C VAL B 348 11.04 -18.61 25.24
N PHE B 349 10.10 -18.10 24.45
CA PHE B 349 9.49 -16.81 24.78
C PHE B 349 8.65 -16.88 26.06
N THR B 350 8.65 -15.78 26.82
CA THR B 350 7.91 -15.62 28.06
C THR B 350 6.48 -15.15 27.77
N ASP B 351 5.65 -15.14 28.84
CA ASP B 351 4.26 -14.70 28.71
C ASP B 351 4.15 -13.25 28.28
N LYS B 352 5.14 -12.42 28.67
CA LYS B 352 5.24 -11.06 28.15
C LYS B 352 5.14 -11.04 26.62
N VAL B 353 5.84 -11.94 25.94
CA VAL B 353 5.84 -11.96 24.48
C VAL B 353 4.66 -12.75 23.94
N LEU B 354 4.34 -13.90 24.53
CA LEU B 354 3.37 -14.80 23.94
C LEU B 354 1.94 -14.54 24.36
N LYS B 355 1.74 -13.93 25.52
CA LYS B 355 0.40 -13.70 26.04
C LYS B 355 0.27 -12.26 26.53
N ASN B 356 0.62 -11.29 25.67
CA ASN B 356 0.57 -9.90 26.08
C ASN B 356 -0.87 -9.58 26.53
N PRO B 357 -1.06 -9.06 27.74
CA PRO B 357 -2.45 -8.83 28.22
C PRO B 357 -3.18 -7.71 27.51
N ASP B 358 -2.49 -6.88 26.72
CA ASP B 358 -3.14 -5.84 25.95
C ASP B 358 -3.42 -6.25 24.50
N GLY B 359 -3.27 -7.53 24.17
CA GLY B 359 -3.55 -7.96 22.82
C GLY B 359 -2.42 -7.77 21.80
N LYS B 360 -1.28 -7.23 22.21
CA LYS B 360 -0.18 -7.05 21.25
C LYS B 360 0.30 -8.40 20.73
N THR B 361 0.68 -8.45 19.43
CA THR B 361 1.27 -9.65 18.87
C THR B 361 2.65 -9.88 19.47
N PRO B 362 3.14 -11.12 19.48
CA PRO B 362 4.54 -11.38 19.86
C PRO B 362 5.54 -10.44 19.17
N LEU B 363 5.41 -10.29 17.84
CA LEU B 363 6.35 -9.43 17.12
C LEU B 363 6.25 -7.98 17.59
N ALA B 364 5.05 -7.53 17.94
CA ALA B 364 4.95 -6.15 18.36
C ALA B 364 5.60 -5.97 19.72
N VAL B 365 5.52 -6.98 20.57
CA VAL B 365 6.18 -6.88 21.86
C VAL B 365 7.69 -6.84 21.69
N LEU B 366 8.21 -7.78 20.89
CA LEU B 366 9.64 -7.80 20.56
C LEU B 366 10.11 -6.47 19.97
N ARG B 367 9.34 -5.87 19.03
CA ARG B 367 9.83 -4.63 18.43
C ARG B 367 9.98 -3.53 19.48
N GLU B 368 9.11 -3.53 20.49
CA GLU B 368 9.14 -2.46 21.50
C GLU B 368 10.40 -2.50 22.35
N VAL B 369 11.14 -3.62 22.38
CA VAL B 369 12.39 -3.63 23.12
C VAL B 369 13.58 -3.46 22.19
N GLY B 370 13.33 -3.23 20.89
CA GLY B 370 14.36 -3.04 19.89
C GLY B 370 14.76 -4.32 19.17
N ALA B 371 14.11 -5.43 19.47
CA ALA B 371 14.40 -6.64 18.69
C ALA B 371 13.74 -6.52 17.32
N GLN B 372 14.27 -7.25 16.36
CA GLN B 372 13.78 -7.30 14.98
C GLN B 372 13.91 -5.94 14.28
N TYR B 373 14.70 -5.02 14.81
CA TYR B 373 14.83 -3.69 14.23
C TYR B 373 15.72 -3.77 12.98
N ARG B 374 15.16 -3.46 11.81
CA ARG B 374 15.87 -3.65 10.55
C ARG B 374 17.12 -2.79 10.48
N LEU B 375 18.27 -3.46 10.30
CA LEU B 375 19.57 -2.82 10.14
C LEU B 375 20.34 -3.58 9.07
N GLY B 376 21.37 -4.33 9.48
CA GLY B 376 22.08 -5.27 8.63
C GLY B 376 22.28 -6.60 9.33
N ALA B 377 21.25 -7.03 10.05
CA ALA B 377 21.28 -8.19 10.93
C ALA B 377 20.79 -9.43 10.21
N PHE B 378 20.72 -10.56 10.92
CA PHE B 378 20.42 -11.86 10.34
C PHE B 378 19.28 -12.48 11.15
N GLN B 379 18.08 -12.49 10.58
CA GLN B 379 16.95 -13.04 11.28
C GLN B 379 17.14 -14.54 11.46
N ASP B 380 16.51 -15.09 12.50
CA ASP B 380 16.62 -16.50 12.84
C ASP B 380 15.24 -17.13 12.78
N ALA B 381 15.08 -18.16 11.96
CA ALA B 381 13.77 -18.82 11.84
C ALA B 381 13.26 -19.35 13.19
N GLN B 382 14.17 -19.65 14.12
CA GLN B 382 13.77 -20.10 15.46
C GLN B 382 13.00 -19.02 16.19
N TYR B 383 13.24 -17.74 15.88
CA TYR B 383 12.42 -16.69 16.52
C TYR B 383 10.98 -16.80 16.04
N GLU B 384 10.79 -17.08 14.75
CA GLU B 384 9.47 -17.16 14.16
C GLU B 384 8.74 -18.42 14.63
N LEU B 385 9.44 -19.56 14.65
CA LEU B 385 8.86 -20.80 15.21
C LEU B 385 8.53 -20.65 16.70
N GLY B 386 9.21 -19.72 17.36
CA GLY B 386 8.98 -19.45 18.77
C GLY B 386 7.58 -18.98 19.09
N TRP B 387 6.90 -18.34 18.12
CA TRP B 387 5.57 -17.80 18.40
C TRP B 387 4.52 -18.15 17.36
N ALA B 388 4.91 -18.65 16.19
CA ALA B 388 3.95 -18.97 15.13
C ALA B 388 2.96 -20.03 15.57
N SER B 389 1.80 -20.02 14.94
CA SER B 389 0.74 -20.94 15.25
C SER B 389 1.17 -22.37 14.92
N GLU B 390 0.48 -23.34 15.53
CA GLU B 390 0.80 -24.72 15.20
C GLU B 390 0.59 -25.02 13.73
N SER B 391 -0.50 -24.48 13.15
CA SER B 391 -0.79 -24.73 11.74
C SER B 391 0.22 -24.10 10.81
N ALA B 392 0.68 -22.91 11.15
CA ALA B 392 1.70 -22.27 10.33
C ALA B 392 2.99 -23.08 10.35
N LYS B 393 3.43 -23.48 11.55
CA LYS B 393 4.68 -24.25 11.67
C LYS B 393 4.59 -25.56 10.90
N ALA B 394 3.47 -26.27 11.04
CA ALA B 394 3.35 -27.53 10.32
C ALA B 394 3.42 -27.29 8.82
N GLY B 395 2.82 -26.18 8.35
CA GLY B 395 2.84 -25.89 6.93
C GLY B 395 4.24 -25.56 6.41
N TYR B 396 4.97 -24.70 7.14
CA TYR B 396 6.37 -24.46 6.79
C TYR B 396 7.13 -25.75 6.72
N LYS B 397 6.95 -26.63 7.70
CA LYS B 397 7.75 -27.86 7.70
C LYS B 397 7.38 -28.77 6.55
N TYR B 398 6.10 -28.78 6.19
CA TYR B 398 5.61 -29.62 5.11
C TYR B 398 6.23 -29.22 3.78
N TYR B 399 6.24 -27.91 3.49
CA TYR B 399 6.82 -27.46 2.22
C TYR B 399 8.34 -27.57 2.24
N MET B 400 8.97 -27.39 3.40
CA MET B 400 10.43 -27.49 3.47
C MET B 400 10.88 -28.92 3.34
N ASP B 401 10.24 -29.81 4.11
CA ASP B 401 10.64 -31.23 4.09
C ASP B 401 10.43 -31.86 2.70
N ASN B 402 9.42 -31.44 1.94
CA ASN B 402 9.21 -32.00 0.62
C ASN B 402 9.95 -31.27 -0.48
N ASP B 403 10.70 -30.23 -0.14
CA ASP B 403 11.60 -29.52 -1.07
C ASP B 403 10.84 -29.05 -2.31
N VAL B 404 9.65 -28.45 -2.09
CA VAL B 404 8.81 -28.06 -3.22
C VAL B 404 9.02 -26.62 -3.66
N VAL B 405 9.80 -25.81 -2.94
CA VAL B 405 9.89 -24.37 -3.21
C VAL B 405 11.14 -24.12 -4.03
N LEU B 406 10.98 -23.41 -5.15
CA LEU B 406 12.12 -23.00 -5.96
C LEU B 406 12.57 -21.61 -5.55
N ASP B 407 13.88 -21.36 -5.60
CA ASP B 407 14.40 -20.05 -5.22
C ASP B 407 13.93 -18.98 -6.20
N GLU B 408 13.52 -17.84 -5.66
CA GLU B 408 13.13 -16.73 -6.47
C GLU B 408 14.35 -16.05 -7.06
N LEU B 409 14.18 -15.39 -8.21
CA LEU B 409 15.29 -14.62 -8.73
C LEU B 409 15.74 -13.63 -7.65
N PRO B 410 17.04 -13.44 -7.45
CA PRO B 410 17.49 -12.49 -6.44
C PRO B 410 17.09 -11.08 -6.85
N ILE B 411 17.21 -10.18 -5.89
CA ILE B 411 17.19 -8.76 -6.26
C ILE B 411 18.45 -8.51 -7.09
N LEU B 412 18.26 -8.16 -8.35
CA LEU B 412 19.41 -7.94 -9.23
C LEU B 412 19.94 -6.51 -9.09
N LYS B 413 21.19 -6.35 -9.46
CA LYS B 413 21.90 -5.10 -9.27
C LYS B 413 22.36 -4.54 -10.61
N TYR B 414 22.16 -3.24 -10.79
CA TYR B 414 22.49 -2.59 -12.04
C TYR B 414 23.19 -1.28 -11.74
N THR B 415 23.91 -0.82 -12.75
CA THR B 415 24.26 0.60 -12.75
C THR B 415 23.01 1.43 -12.88
N LYS B 416 23.12 2.71 -12.49
CA LYS B 416 21.95 3.59 -12.59
C LYS B 416 21.40 3.61 -14.00
N GLU B 417 22.28 3.66 -15.01
CA GLU B 417 21.80 3.78 -16.39
C GLU B 417 21.13 2.50 -16.84
N LYS B 418 21.75 1.33 -16.55
CA LYS B 418 21.12 0.06 -16.93
C LYS B 418 19.81 -0.15 -16.18
N SER B 419 19.72 0.29 -14.92
CA SER B 419 18.47 0.24 -14.18
C SER B 419 17.35 1.01 -14.87
N LYS B 420 17.60 2.30 -15.19
CA LYS B 420 16.58 3.09 -15.88
C LYS B 420 16.13 2.42 -17.17
N GLU B 421 17.09 1.93 -17.96
CA GLU B 421 16.75 1.29 -19.24
C GLU B 421 15.87 0.07 -19.03
N PHE B 422 16.26 -0.79 -18.09
CA PHE B 422 15.50 -1.99 -17.81
C PHE B 422 14.12 -1.67 -17.24
N VAL B 423 14.05 -0.76 -16.25
CA VAL B 423 12.75 -0.47 -15.67
C VAL B 423 11.80 0.13 -16.72
N SER B 424 12.32 0.95 -17.64
CA SER B 424 11.43 1.50 -18.67
C SER B 424 10.83 0.38 -19.52
N ILE B 425 11.63 -0.61 -19.90
CA ILE B 425 11.11 -1.73 -20.65
C ILE B 425 10.19 -2.57 -19.79
N ASP B 426 10.63 -2.92 -18.59
CA ASP B 426 9.88 -3.84 -17.74
C ASP B 426 8.48 -3.29 -17.47
N THR B 427 8.39 -1.98 -17.20
CA THR B 427 7.08 -1.32 -16.95
C THR B 427 6.20 -1.37 -18.20
N ALA B 428 6.79 -1.03 -19.35
CA ALA B 428 6.01 -1.09 -20.59
C ALA B 428 5.48 -2.48 -20.86
N MET B 429 6.32 -3.52 -20.69
CA MET B 429 5.84 -4.87 -20.95
C MET B 429 4.77 -5.25 -19.94
N ARG B 430 4.98 -4.86 -18.69
CA ARG B 430 4.00 -5.27 -17.69
C ARG B 430 2.60 -4.83 -18.09
N ALA B 431 2.50 -3.65 -18.68
CA ALA B 431 1.16 -3.14 -18.96
C ALA B 431 0.51 -3.98 -20.06
N VAL B 432 1.32 -4.44 -21.02
CA VAL B 432 0.81 -5.27 -22.10
C VAL B 432 0.39 -6.64 -21.58
N VAL B 433 1.27 -7.29 -20.81
CA VAL B 433 0.98 -8.62 -20.31
C VAL B 433 -0.32 -8.60 -19.50
N GLU B 434 -0.45 -7.63 -18.63
CA GLU B 434 -1.60 -7.59 -17.74
C GLU B 434 -2.88 -7.29 -18.51
N GLU B 435 -2.79 -6.42 -19.51
CA GLU B 435 -3.94 -6.13 -20.35
C GLU B 435 -4.38 -7.37 -21.12
N LYS B 436 -3.45 -8.01 -21.85
CA LYS B 436 -3.83 -9.17 -22.63
C LYS B 436 -4.21 -10.37 -21.76
N ALA B 437 -3.51 -10.60 -20.64
CA ALA B 437 -3.81 -11.81 -19.86
C ALA B 437 -5.18 -11.74 -19.19
N GLN B 438 -5.57 -10.56 -18.69
CA GLN B 438 -6.93 -10.43 -18.13
C GLN B 438 -7.96 -10.73 -19.20
N GLN B 439 -7.80 -10.15 -20.39
CA GLN B 439 -8.84 -10.36 -21.42
C GLN B 439 -8.89 -11.82 -21.91
N TRP B 440 -7.73 -12.44 -22.09
CA TRP B 440 -7.72 -13.85 -22.46
C TRP B 440 -8.40 -14.69 -21.39
N ILE B 441 -8.09 -14.46 -20.11
CA ILE B 441 -8.68 -15.29 -19.08
C ILE B 441 -10.18 -15.11 -19.05
N LEU B 442 -10.65 -13.91 -19.30
CA LEU B 442 -12.09 -13.61 -19.26
C LEU B 442 -12.84 -14.10 -20.50
N GLY B 443 -12.14 -14.67 -21.49
CA GLY B 443 -12.75 -15.35 -22.63
C GLY B 443 -12.86 -14.52 -23.87
N SER B 444 -12.20 -13.37 -23.91
CA SER B 444 -12.13 -12.55 -25.10
C SER B 444 -11.05 -13.05 -26.06
N GLY B 445 -11.37 -13.02 -27.35
CA GLY B 445 -10.36 -13.32 -28.34
C GLY B 445 -9.97 -14.79 -28.36
N ASP B 446 -8.76 -15.03 -28.88
CA ASP B 446 -8.23 -16.38 -28.99
C ASP B 446 -6.72 -16.26 -28.81
N ILE B 447 -6.19 -16.99 -27.82
CA ILE B 447 -4.78 -16.79 -27.51
C ILE B 447 -3.94 -17.43 -28.60
N ASP B 448 -4.41 -18.52 -29.21
CA ASP B 448 -3.61 -19.13 -30.28
C ASP B 448 -3.47 -18.17 -31.46
N LYS B 449 -4.54 -17.43 -31.80
CA LYS B 449 -4.45 -16.52 -32.93
C LYS B 449 -3.72 -15.22 -32.59
N GLU B 450 -3.64 -14.86 -31.31
CA GLU B 450 -3.10 -13.55 -30.91
C GLU B 450 -1.70 -13.64 -30.29
N TRP B 451 -1.21 -14.85 -30.02
CA TRP B 451 0.02 -15.04 -29.25
C TRP B 451 1.21 -14.39 -29.96
N ASP B 452 1.39 -14.66 -31.25
CA ASP B 452 2.56 -14.14 -31.97
C ASP B 452 2.62 -12.62 -31.96
N ALA B 453 1.50 -11.97 -32.26
CA ALA B 453 1.50 -10.50 -32.27
C ALA B 453 1.74 -9.94 -30.86
N TYR B 454 1.35 -10.69 -29.82
CA TYR B 454 1.63 -10.25 -28.46
C TYR B 454 3.14 -10.28 -28.20
N ILE B 455 3.77 -11.37 -28.58
CA ILE B 455 5.23 -11.50 -28.39
C ILE B 455 5.97 -10.44 -29.19
N LYS B 456 5.52 -10.19 -30.42
CA LYS B 456 6.17 -9.14 -31.22
C LYS B 456 6.01 -7.80 -30.55
N ARG B 457 4.84 -7.53 -29.92
CA ARG B 457 4.69 -6.29 -29.18
C ARG B 457 5.69 -6.18 -28.03
N LEU B 458 5.90 -7.27 -27.28
CA LEU B 458 6.93 -7.24 -26.22
C LEU B 458 8.31 -7.00 -26.81
N GLU B 459 8.62 -7.64 -27.93
CA GLU B 459 9.91 -7.40 -28.58
C GLU B 459 10.10 -5.95 -28.98
N ASN B 460 9.06 -5.37 -29.60
CA ASN B 460 9.11 -3.97 -30.00
C ASN B 460 9.25 -3.05 -28.82
N LEU B 461 8.75 -3.47 -27.66
CA LEU B 461 8.93 -2.69 -26.45
C LEU B 461 10.31 -2.87 -25.84
N GLY B 462 11.11 -3.83 -26.34
CA GLY B 462 12.48 -3.94 -25.88
C GLY B 462 12.81 -5.23 -25.13
N LEU B 463 12.02 -6.29 -25.31
CA LEU B 463 12.21 -7.49 -24.51
C LEU B 463 13.65 -8.02 -24.63
N SER B 464 14.20 -7.96 -25.83
CA SER B 464 15.56 -8.48 -26.02
C SER B 464 16.60 -7.69 -25.25
N LYS B 465 16.46 -6.36 -25.21
CA LYS B 465 17.40 -5.56 -24.46
C LYS B 465 17.22 -5.80 -22.97
N ALA B 466 15.97 -5.91 -22.51
CA ALA B 466 15.76 -6.23 -21.11
C ALA B 466 16.38 -7.57 -20.75
N GLU B 467 16.24 -8.56 -21.64
CA GLU B 467 16.84 -9.87 -21.37
C GLU B 467 18.37 -9.76 -21.28
N GLN B 468 18.98 -8.96 -22.18
CA GLN B 468 20.43 -8.78 -22.12
C GLN B 468 20.85 -8.21 -20.77
N ILE B 469 20.11 -7.18 -20.29
CA ILE B 469 20.47 -6.53 -19.05
C ILE B 469 20.30 -7.47 -17.88
N GLN B 470 19.16 -8.18 -17.85
CA GLN B 470 18.90 -9.14 -16.77
C GLN B 470 19.98 -10.23 -16.73
N ASN B 471 20.34 -10.78 -17.89
CA ASN B 471 21.36 -11.83 -17.84
C ASN B 471 22.74 -11.27 -17.45
N GLU B 472 23.10 -10.07 -17.89
CA GLU B 472 24.34 -9.48 -17.39
C GLU B 472 24.33 -9.37 -15.88
N ALA B 473 23.18 -9.00 -15.30
CA ALA B 473 23.18 -8.64 -13.87
C ALA B 473 23.21 -9.86 -12.98
N PHE B 474 22.74 -10.98 -13.48
CA PHE B 474 22.52 -12.14 -12.64
C PHE B 474 23.81 -12.77 -12.08
#